data_3LV4
#
_entry.id   3LV4
#
_cell.length_a   210.585
_cell.length_b   60.327
_cell.length_c   73.122
_cell.angle_alpha   90.00
_cell.angle_beta   97.47
_cell.angle_gamma   90.00
#
_symmetry.space_group_name_H-M   'C 1 2 1'
#
loop_
_entity.id
_entity.type
_entity.pdbx_description
1 polymer 'Glycoside hydrolase YxiA'
2 non-polymer 'CALCIUM ION'
3 non-polymer 'ACETATE ION'
4 water water
#
_entity_poly.entity_id   1
_entity_poly.type   'polypeptide(L)'
_entity_poly.pdbx_seq_one_letter_code
;(MSE)QTQKPVFSEVTVHDPSIIKANGTYYVFGSHLASAKSTDL(MSE)NWTQISSSVHDGNPLIPNVYEELKETFEWAE
SDTLWAPDVTQLEDGKFY(MSE)YYNACRGDSPRSALGLAVADDIEGPYKNKGIFLKSG(MSE)DGISNDGTPYDATKHP
NVVDPHTFFDQNGKLW(MSE)VYGSYSGGIFILE(MSE)DKKTGFPLPGQGYGKKLIGGNHSRIEGAYILYHPETQYYYL
Y(MSE)SFGGLAADGGYNIRVARSKNPDGPYYDAEGHA(MSE)IDVRGKEGTLFDDRSIEPYGVKL(MSE)GNFSFNNKN
GYVSPGHNSAFYDEKSGKSYLIFHTRFPGRGEEHEVRVHQLL(MSE)NKQGWPVVAPHRYAGEKLEKVKKSDVIGDYELV
RHGKDISADIKESKEIRLNQNGKITGAVAGTWKNTGHNKIELKIDGKTYDGVFLRQWDAASERKV(MSE)TFSALSREGD
AVWGSSLKRAEFLEHHHHHH
;
_entity_poly.pdbx_strand_id   A,B
#
loop_
_chem_comp.id
_chem_comp.type
_chem_comp.name
_chem_comp.formula
ACT non-polymer 'ACETATE ION' 'C2 H3 O2 -1'
CA non-polymer 'CALCIUM ION' 'Ca 2'
#
# COMPACT_ATOMS: atom_id res chain seq x y z
N LYS A 5 34.95 15.80 -7.65
CA LYS A 5 35.28 15.40 -6.28
C LYS A 5 34.00 15.24 -5.46
N PRO A 6 33.91 14.15 -4.68
CA PRO A 6 32.70 13.88 -3.91
C PRO A 6 32.46 14.95 -2.86
N VAL A 7 31.19 15.21 -2.58
CA VAL A 7 30.79 16.18 -1.57
C VAL A 7 29.90 15.50 -0.56
N PHE A 8 30.17 15.72 0.72
CA PHE A 8 29.36 15.17 1.80
C PHE A 8 28.74 16.30 2.60
N SER A 9 27.54 16.07 3.12
CA SER A 9 26.91 17.00 4.05
C SER A 9 26.46 16.16 5.24
N GLU A 10 26.95 16.49 6.42
CA GLU A 10 26.82 15.60 7.57
C GLU A 10 25.55 15.86 8.38
N VAL A 11 25.05 14.81 9.00
CA VAL A 11 23.94 14.95 9.94
C VAL A 11 24.16 14.12 11.17
N THR A 12 23.41 14.45 12.22
CA THR A 12 23.53 13.77 13.49
C THR A 12 22.21 13.05 13.76
N VAL A 13 22.25 11.73 13.65
CA VAL A 13 21.07 10.89 13.85
C VAL A 13 21.55 9.60 14.50
N HIS A 14 21.32 9.49 15.80
CA HIS A 14 21.76 8.30 16.54
C HIS A 14 20.85 7.10 16.19
N ASP A 15 21.45 5.93 15.97
CA ASP A 15 20.68 4.71 15.70
C ASP A 15 19.82 4.83 14.44
N PRO A 16 20.42 5.23 13.32
CA PRO A 16 19.65 5.53 12.10
C PRO A 16 18.96 4.29 11.50
N SER A 17 17.67 4.43 11.20
CA SER A 17 16.91 3.37 10.52
C SER A 17 16.46 3.87 9.15
N ILE A 18 17.01 3.25 8.11
CA ILE A 18 16.83 3.72 6.72
C ILE A 18 15.48 3.33 6.13
N ILE A 19 14.92 4.25 5.35
CA ILE A 19 13.73 3.93 4.56
C ILE A 19 13.72 4.83 3.33
N LYS A 20 13.39 4.26 2.17
CA LYS A 20 13.32 5.05 0.97
C LYS A 20 11.88 5.27 0.55
N ALA A 21 11.52 6.51 0.28
CA ALA A 21 10.18 6.82 -0.22
C ALA A 21 10.27 7.97 -1.19
N ASN A 22 9.47 7.92 -2.25
CA ASN A 22 9.41 9.04 -3.19
C ASN A 22 10.77 9.35 -3.81
N GLY A 23 11.64 8.34 -3.89
CA GLY A 23 12.97 8.53 -4.43
C GLY A 23 13.97 9.22 -3.50
N THR A 24 13.59 9.35 -2.22
CA THR A 24 14.43 10.01 -1.24
C THR A 24 14.72 9.07 -0.09
N TYR A 25 15.96 9.05 0.39
CA TYR A 25 16.33 8.21 1.53
C TYR A 25 16.11 8.99 2.82
N TYR A 26 15.48 8.34 3.79
CA TYR A 26 15.31 8.92 5.12
C TYR A 26 15.99 8.05 6.15
N VAL A 27 16.54 8.67 7.18
CA VAL A 27 16.93 7.94 8.38
C VAL A 27 16.17 8.47 9.59
N PHE A 28 15.64 7.55 10.38
CA PHE A 28 14.96 7.91 11.63
C PHE A 28 15.73 7.31 12.77
N GLY A 29 16.05 8.14 13.76
CA GLY A 29 16.91 7.72 14.85
C GLY A 29 16.33 8.06 16.20
N SER A 30 17.12 7.84 17.25
CA SER A 30 16.70 8.17 18.60
C SER A 30 16.46 9.69 18.77
N HIS A 31 15.73 10.04 19.82
CA HIS A 31 15.42 11.44 20.14
C HIS A 31 14.60 12.09 19.04
N LEU A 32 13.83 11.27 18.34
CA LEU A 32 12.95 11.75 17.27
C LEU A 32 13.76 12.55 16.25
N ALA A 33 15.00 12.10 16.02
CA ALA A 33 15.88 12.73 15.03
C ALA A 33 15.66 12.10 13.66
N SER A 34 15.89 12.87 12.60
CA SER A 34 15.76 12.36 11.24
C SER A 34 16.50 13.23 10.23
N ALA A 35 16.79 12.63 9.08
CA ALA A 35 17.52 13.31 8.01
C ALA A 35 17.16 12.67 6.70
N LYS A 36 17.44 13.35 5.60
CA LYS A 36 17.12 12.81 4.29
C LYS A 36 18.19 13.16 3.26
N SER A 37 18.26 12.38 2.20
CA SER A 37 19.20 12.63 1.11
C SER A 37 18.71 11.90 -0.12
N THR A 38 19.16 12.32 -1.29
CA THR A 38 18.87 11.57 -2.50
C THR A 38 20.06 10.74 -2.95
N ASP A 39 21.23 10.98 -2.36
CA ASP A 39 22.45 10.33 -2.84
C ASP A 39 23.22 9.53 -1.78
N LEU A 40 22.70 9.50 -0.55
CA LEU A 40 23.36 8.83 0.57
C LEU A 40 24.68 9.50 0.96
N MSE A 41 24.92 10.71 0.45
CA MSE A 41 26.16 11.42 0.74
C MSE A 41 25.88 12.81 1.29
O MSE A 41 26.56 13.28 2.20
CB MSE A 41 27.01 11.54 -0.53
CG MSE A 41 27.37 10.21 -1.13
SE MSE A 41 28.03 10.47 -2.95
CE MSE A 41 29.63 11.51 -2.53
N ASN A 42 24.89 13.48 0.71
CA ASN A 42 24.54 14.81 1.17
C ASN A 42 23.21 14.81 1.91
N TRP A 43 23.30 14.73 3.22
CA TRP A 43 22.12 14.65 4.07
C TRP A 43 21.66 16.02 4.53
N THR A 44 20.35 16.14 4.71
CA THR A 44 19.75 17.33 5.28
C THR A 44 19.07 16.96 6.60
N GLN A 45 19.40 17.68 7.66
CA GLN A 45 18.80 17.41 8.96
C GLN A 45 17.35 17.88 8.96
N ILE A 46 16.45 17.00 9.38
CA ILE A 46 15.03 17.36 9.47
C ILE A 46 14.62 17.66 10.90
N SER A 47 15.06 16.81 11.83
CA SER A 47 14.75 16.96 13.25
C SER A 47 15.90 16.39 14.07
N SER A 48 16.02 16.80 15.34
CA SER A 48 17.18 16.45 16.15
C SER A 48 16.89 15.99 17.57
N SER A 49 15.76 16.42 18.13
CA SER A 49 15.45 16.07 19.51
C SER A 49 13.95 16.07 19.78
N VAL A 50 13.58 15.54 20.93
CA VAL A 50 12.19 15.54 21.38
C VAL A 50 11.84 16.88 22.00
N HIS A 51 10.95 17.63 21.36
CA HIS A 51 10.52 18.92 21.87
C HIS A 51 9.26 19.34 21.12
N ASP A 52 8.49 20.26 21.71
CA ASP A 52 7.35 20.85 21.03
C ASP A 52 7.82 21.40 19.70
N GLY A 53 7.12 21.08 18.62
CA GLY A 53 7.47 21.65 17.33
C GLY A 53 8.31 20.74 16.44
N ASN A 54 8.74 19.61 16.98
CA ASN A 54 9.41 18.60 16.15
C ASN A 54 8.46 18.20 15.01
N PRO A 55 8.91 18.38 13.74
CA PRO A 55 7.98 18.21 12.62
C PRO A 55 7.39 16.80 12.53
N LEU A 56 8.12 15.79 13.00
CA LEU A 56 7.62 14.41 12.93
C LEU A 56 6.41 14.22 13.85
N ILE A 57 6.49 14.79 15.05
CA ILE A 57 5.37 14.78 15.99
C ILE A 57 5.41 16.07 16.79
N PRO A 58 4.79 17.14 16.26
CA PRO A 58 4.91 18.48 16.86
C PRO A 58 4.36 18.59 18.28
N ASN A 59 3.39 17.73 18.62
CA ASN A 59 2.84 17.69 19.97
C ASN A 59 3.32 16.46 20.73
N VAL A 60 4.55 16.05 20.45
CA VAL A 60 5.09 14.78 20.94
C VAL A 60 4.82 14.49 22.41
N TYR A 61 4.96 15.49 23.29
CA TYR A 61 4.81 15.22 24.72
C TYR A 61 3.37 14.87 25.11
N GLU A 62 2.41 15.39 24.36
CA GLU A 62 1.01 15.03 24.52
C GLU A 62 0.70 13.73 23.77
N GLU A 63 1.19 13.64 22.54
CA GLU A 63 0.85 12.53 21.66
C GLU A 63 1.27 11.19 22.26
N LEU A 64 2.47 11.16 22.86
CA LEU A 64 3.02 9.92 23.37
C LEU A 64 3.12 9.96 24.89
N LYS A 65 2.25 10.73 25.54
CA LYS A 65 2.36 10.92 26.97
C LYS A 65 2.41 9.61 27.75
N GLU A 66 1.64 8.60 27.33
CA GLU A 66 1.60 7.35 28.08
C GLU A 66 2.96 6.68 28.09
N THR A 67 3.69 6.86 27.00
CA THR A 67 5.01 6.23 26.85
C THR A 67 6.04 6.96 27.72
N PHE A 68 6.03 8.29 27.66
CA PHE A 68 6.93 9.05 28.53
C PHE A 68 6.62 8.77 30.01
N GLU A 69 5.35 8.62 30.34
CA GLU A 69 4.97 8.36 31.73
C GLU A 69 5.42 6.99 32.22
N TRP A 70 5.28 5.98 31.36
CA TRP A 70 5.71 4.63 31.71
C TRP A 70 7.22 4.54 31.83
N ALA A 71 7.91 5.09 30.84
CA ALA A 71 9.37 5.00 30.77
C ALA A 71 10.05 5.98 31.72
N GLU A 72 9.31 6.98 32.20
CA GLU A 72 9.87 7.99 33.10
C GLU A 72 11.08 8.65 32.44
N SER A 73 10.89 9.01 31.18
CA SER A 73 11.93 9.63 30.37
C SER A 73 11.33 10.79 29.59
N ASP A 74 12.15 11.72 29.16
CA ASP A 74 11.67 12.81 28.33
C ASP A 74 12.20 12.70 26.91
N THR A 75 12.69 11.52 26.56
CA THR A 75 13.14 11.31 25.18
C THR A 75 12.71 9.96 24.62
N LEU A 76 12.99 9.74 23.34
CA LEU A 76 12.67 8.49 22.68
C LEU A 76 13.95 7.77 22.25
N TRP A 77 13.93 6.45 22.29
CA TRP A 77 15.06 5.68 21.81
C TRP A 77 14.89 5.28 20.35
N ALA A 78 15.57 4.22 19.92
CA ALA A 78 15.74 3.95 18.48
C ALA A 78 14.48 3.40 17.82
N PRO A 79 13.90 4.15 16.87
CA PRO A 79 12.65 3.73 16.24
C PRO A 79 12.89 2.94 14.95
N ASP A 80 11.80 2.46 14.36
CA ASP A 80 11.82 2.12 12.94
C ASP A 80 10.62 2.76 12.28
N VAL A 81 10.78 3.15 11.03
CA VAL A 81 9.63 3.56 10.22
C VAL A 81 9.56 2.62 9.03
N THR A 82 8.38 2.08 8.79
CA THR A 82 8.19 1.16 7.68
C THR A 82 6.90 1.47 6.96
N GLN A 83 6.93 1.45 5.63
CA GLN A 83 5.72 1.63 4.84
C GLN A 83 5.02 0.30 4.67
N LEU A 84 3.76 0.24 5.05
CA LEU A 84 2.97 -0.98 4.86
C LEU A 84 2.18 -0.90 3.57
N GLU A 85 1.38 -1.92 3.31
CA GLU A 85 0.73 -2.05 2.01
C GLU A 85 -0.34 -0.98 1.76
N ASP A 86 -0.84 -0.37 2.82
CA ASP A 86 -1.78 0.73 2.67
C ASP A 86 -1.09 2.03 2.23
N GLY A 87 0.23 1.99 2.10
CA GLY A 87 0.99 3.15 1.67
C GLY A 87 1.31 4.13 2.78
N LYS A 88 0.81 3.85 3.98
CA LYS A 88 1.09 4.72 5.12
C LYS A 88 2.41 4.35 5.81
N PHE A 89 2.89 5.26 6.66
CA PHE A 89 4.18 5.09 7.29
C PHE A 89 4.01 4.79 8.76
N TYR A 90 4.51 3.63 9.17
CA TYR A 90 4.30 3.11 10.51
C TYR A 90 5.58 3.25 11.31
N MSE A 91 5.53 4.12 12.32
CA MSE A 91 6.65 4.32 13.22
C MSE A 91 6.49 3.49 14.48
O MSE A 91 5.52 3.62 15.22
CB MSE A 91 6.79 5.79 13.61
CG MSE A 91 7.92 6.05 14.61
SE MSE A 91 7.99 7.93 15.20
CE MSE A 91 8.55 8.74 13.50
N TYR A 92 7.48 2.63 14.71
CA TYR A 92 7.55 1.87 15.93
C TYR A 92 8.45 2.64 16.89
N TYR A 93 7.83 3.33 17.84
CA TYR A 93 8.55 4.23 18.74
C TYR A 93 8.68 3.58 20.10
N ASN A 94 9.64 4.07 20.89
CA ASN A 94 9.88 3.51 22.22
C ASN A 94 10.64 4.47 23.10
N ALA A 95 10.43 4.34 24.40
CA ALA A 95 11.19 5.13 25.37
C ALA A 95 11.65 4.18 26.49
N CYS A 96 12.75 4.53 27.12
CA CYS A 96 13.32 3.71 28.19
C CYS A 96 13.88 4.62 29.29
N ARG A 97 13.64 4.25 30.54
CA ARG A 97 14.13 5.06 31.67
C ARG A 97 15.63 5.27 31.62
N GLY A 98 16.36 4.27 31.12
CA GLY A 98 17.79 4.40 30.90
C GLY A 98 18.66 3.66 31.89
N ASP A 99 18.19 3.52 33.13
CA ASP A 99 18.96 2.84 34.17
C ASP A 99 18.49 1.41 34.37
N SER A 100 17.50 1.01 33.59
CA SER A 100 16.83 -0.27 33.72
C SER A 100 15.90 -0.40 32.53
N PRO A 101 15.41 -1.63 32.25
CA PRO A 101 14.58 -1.84 31.06
C PRO A 101 13.12 -1.44 31.28
N ARG A 102 12.90 -0.28 31.89
CA ARG A 102 11.58 0.27 32.09
C ARG A 102 11.19 0.98 30.81
N SER A 103 10.48 0.29 29.93
CA SER A 103 10.25 0.80 28.58
C SER A 103 8.87 0.49 28.05
N ALA A 104 8.43 1.30 27.11
CA ALA A 104 7.21 1.04 26.36
C ALA A 104 7.50 1.14 24.87
N LEU A 105 6.88 0.27 24.09
CA LEU A 105 7.02 0.25 22.65
C LEU A 105 5.64 0.41 22.03
N GLY A 106 5.49 1.39 21.14
CA GLY A 106 4.19 1.66 20.56
C GLY A 106 4.25 1.92 19.07
N LEU A 107 3.08 2.17 18.49
CA LEU A 107 2.93 2.39 17.05
C LEU A 107 2.28 3.73 16.79
N ALA A 108 2.84 4.51 15.87
CA ALA A 108 2.22 5.73 15.38
C ALA A 108 2.25 5.68 13.85
N VAL A 109 1.27 6.31 13.21
CA VAL A 109 1.13 6.22 11.75
C VAL A 109 1.01 7.61 11.14
N ALA A 110 1.71 7.83 10.02
CA ALA A 110 1.61 9.09 9.26
C ALA A 110 1.18 8.83 7.82
N ASP A 111 0.51 9.82 7.22
CA ASP A 111 0.17 9.75 5.79
C ASP A 111 1.41 10.08 4.97
N ASP A 112 2.21 11.00 5.48
CA ASP A 112 3.41 11.46 4.82
C ASP A 112 4.63 11.10 5.65
N ILE A 113 5.73 10.74 4.98
CA ILE A 113 6.87 10.21 5.70
C ILE A 113 7.49 11.20 6.70
N GLU A 114 7.36 12.49 6.44
CA GLU A 114 7.90 13.50 7.35
C GLU A 114 6.90 13.94 8.41
N GLY A 115 5.80 13.22 8.54
CA GLY A 115 4.84 13.48 9.60
C GLY A 115 3.64 14.30 9.20
N PRO A 116 2.75 14.57 10.16
CA PRO A 116 2.89 14.14 11.55
C PRO A 116 2.48 12.69 11.76
N TYR A 117 3.09 12.04 12.75
CA TYR A 117 2.72 10.68 13.11
C TYR A 117 1.67 10.73 14.21
N LYS A 118 0.66 9.87 14.09
CA LYS A 118 -0.42 9.79 15.08
C LYS A 118 -0.41 8.48 15.84
N ASN A 119 -0.43 8.60 17.16
CA ASN A 119 -0.33 7.45 18.06
C ASN A 119 -1.49 6.48 17.89
N LYS A 120 -1.18 5.19 17.75
CA LYS A 120 -2.20 4.15 17.71
C LYS A 120 -2.18 3.33 18.99
N GLY A 121 -1.16 3.55 19.82
CA GLY A 121 -1.10 2.90 21.12
C GLY A 121 0.17 2.11 21.41
N ILE A 122 0.43 1.94 22.71
CA ILE A 122 1.49 1.07 23.22
C ILE A 122 1.04 -0.39 23.10
N PHE A 123 1.95 -1.27 22.68
CA PHE A 123 1.61 -2.69 22.56
C PHE A 123 2.60 -3.64 23.24
N LEU A 124 3.71 -3.10 23.75
CA LEU A 124 4.65 -3.90 24.53
C LEU A 124 5.22 -3.04 25.66
N LYS A 125 5.40 -3.64 26.82
CA LYS A 125 6.05 -2.96 27.95
C LYS A 125 7.07 -3.87 28.60
N SER A 126 8.12 -3.29 29.17
CA SER A 126 9.08 -4.03 29.97
C SER A 126 9.36 -3.26 31.25
N GLY A 127 9.95 -3.94 32.23
CA GLY A 127 10.35 -3.29 33.45
C GLY A 127 9.23 -3.06 34.46
N MSE A 128 8.05 -3.64 34.19
CA MSE A 128 6.98 -3.63 35.17
C MSE A 128 7.39 -4.48 36.36
O MSE A 128 8.14 -5.46 36.22
CB MSE A 128 5.68 -4.21 34.59
CG MSE A 128 5.78 -5.68 34.12
SE MSE A 128 6.35 -5.84 32.26
CE MSE A 128 4.65 -5.35 31.40
N ASP A 129 6.91 -4.10 37.55
CA ASP A 129 7.05 -4.93 38.73
C ASP A 129 5.78 -5.75 38.79
N GLY A 130 5.79 -6.90 38.13
CA GLY A 130 4.64 -7.78 38.08
C GLY A 130 4.54 -8.54 36.77
N ILE A 131 3.33 -8.90 36.40
CA ILE A 131 3.07 -9.76 35.24
C ILE A 131 3.51 -9.10 33.94
N SER A 132 4.32 -9.82 33.17
CA SER A 132 4.87 -9.31 31.91
C SER A 132 3.95 -9.64 30.75
N ASN A 133 4.36 -9.24 29.56
CA ASN A 133 3.54 -9.52 28.37
C ASN A 133 3.48 -10.99 27.98
N ASP A 134 4.29 -11.86 28.60
CA ASP A 134 4.14 -13.29 28.34
C ASP A 134 3.41 -14.03 29.46
N GLY A 135 2.95 -13.26 30.45
CA GLY A 135 2.15 -13.80 31.54
C GLY A 135 2.97 -14.15 32.78
N THR A 136 4.26 -14.44 32.59
CA THR A 136 5.13 -14.67 33.74
C THR A 136 5.62 -13.32 34.29
N PRO A 137 6.00 -13.29 35.58
CA PRO A 137 6.52 -12.03 36.13
C PRO A 137 7.72 -11.51 35.34
N TYR A 138 7.77 -10.20 35.12
CA TYR A 138 8.85 -9.63 34.33
C TYR A 138 10.22 -9.93 34.95
N ASP A 139 11.14 -10.42 34.12
CA ASP A 139 12.47 -10.82 34.56
C ASP A 139 13.45 -10.46 33.44
N ALA A 140 14.24 -9.42 33.67
CA ALA A 140 15.10 -8.90 32.61
C ALA A 140 16.24 -9.83 32.19
N THR A 141 16.45 -10.92 32.93
CA THR A 141 17.41 -11.93 32.46
C THR A 141 16.84 -12.76 31.32
N LYS A 142 15.50 -12.79 31.20
CA LYS A 142 14.87 -13.65 30.19
C LYS A 142 13.89 -12.92 29.28
N HIS A 143 13.43 -11.75 29.72
CA HIS A 143 12.53 -10.91 28.93
C HIS A 143 13.28 -9.73 28.32
N PRO A 144 12.84 -9.29 27.15
CA PRO A 144 13.54 -8.20 26.46
C PRO A 144 13.29 -6.85 27.12
N ASN A 145 14.14 -5.88 26.79
CA ASN A 145 13.84 -4.47 26.95
C ASN A 145 13.15 -4.10 25.64
N VAL A 146 11.94 -3.55 25.71
CA VAL A 146 11.13 -3.37 24.51
C VAL A 146 11.49 -2.12 23.70
N VAL A 147 12.70 -2.15 23.14
CA VAL A 147 13.22 -1.02 22.39
C VAL A 147 13.87 -1.53 21.09
N ASP A 148 14.38 -0.61 20.28
CA ASP A 148 15.15 -0.97 19.09
C ASP A 148 14.45 -1.89 18.09
N PRO A 149 13.22 -1.56 17.68
CA PRO A 149 12.54 -2.41 16.69
C PRO A 149 13.06 -2.23 15.24
N HIS A 150 12.93 -3.31 14.47
CA HIS A 150 12.98 -3.23 13.02
C HIS A 150 11.83 -4.05 12.47
N THR A 151 10.91 -3.39 11.79
CA THR A 151 9.71 -4.02 11.24
C THR A 151 9.89 -4.17 9.75
N PHE A 152 9.77 -5.39 9.27
CA PHE A 152 10.12 -5.66 7.87
C PHE A 152 9.28 -6.77 7.30
N PHE A 153 9.08 -6.73 5.98
CA PHE A 153 8.42 -7.80 5.27
C PHE A 153 9.46 -8.85 4.87
N ASP A 154 9.14 -10.13 5.02
CA ASP A 154 9.99 -11.17 4.46
C ASP A 154 9.66 -11.37 2.98
N GLN A 155 10.35 -12.31 2.33
CA GLN A 155 10.16 -12.49 0.88
C GLN A 155 8.83 -13.14 0.51
N ASN A 156 8.12 -13.63 1.51
CA ASN A 156 6.77 -14.16 1.28
C ASN A 156 5.70 -13.10 1.55
N GLY A 157 6.13 -11.92 1.95
CA GLY A 157 5.19 -10.85 2.25
C GLY A 157 4.62 -10.90 3.67
N LYS A 158 5.15 -11.78 4.51
CA LYS A 158 4.79 -11.77 5.93
C LYS A 158 5.51 -10.62 6.62
N LEU A 159 4.85 -10.00 7.58
CA LEU A 159 5.42 -8.86 8.29
C LEU A 159 5.96 -9.31 9.64
N TRP A 160 7.20 -8.92 9.95
CA TRP A 160 7.86 -9.28 11.20
C TRP A 160 8.36 -8.04 11.90
N MSE A 161 8.58 -8.14 13.20
CA MSE A 161 9.34 -7.12 13.93
C MSE A 161 10.36 -7.78 14.85
O MSE A 161 9.99 -8.52 15.76
CB MSE A 161 8.44 -6.21 14.76
CG MSE A 161 9.22 -5.14 15.51
SE MSE A 161 8.10 -4.06 16.72
CE MSE A 161 7.74 -5.44 18.07
N VAL A 162 11.64 -7.51 14.60
CA VAL A 162 12.70 -7.94 15.51
C VAL A 162 13.06 -6.76 16.41
N TYR A 163 13.41 -7.00 17.66
CA TYR A 163 13.62 -5.90 18.60
C TYR A 163 14.38 -6.38 19.83
N GLY A 164 14.74 -5.44 20.71
CA GLY A 164 15.38 -5.76 21.97
C GLY A 164 16.69 -5.03 22.16
N SER A 165 17.11 -4.93 23.42
CA SER A 165 18.42 -4.38 23.77
C SER A 165 18.81 -4.91 25.13
N TYR A 166 19.96 -5.57 25.19
CA TYR A 166 20.48 -6.10 26.46
C TYR A 166 19.39 -6.95 27.11
N SER A 167 19.22 -6.83 28.42
CA SER A 167 18.22 -7.62 29.15
C SER A 167 18.12 -9.07 28.65
N GLY A 168 16.91 -9.53 28.32
CA GLY A 168 16.69 -10.94 28.02
C GLY A 168 17.04 -11.36 26.61
N GLY A 169 17.39 -10.40 25.76
CA GLY A 169 17.85 -10.73 24.43
C GLY A 169 17.08 -10.07 23.30
N ILE A 170 17.27 -10.60 22.10
CA ILE A 170 16.67 -10.07 20.89
C ILE A 170 15.56 -11.04 20.48
N PHE A 171 14.37 -10.50 20.23
CA PHE A 171 13.19 -11.32 19.96
C PHE A 171 12.55 -10.90 18.65
N ILE A 172 11.74 -11.80 18.06
CA ILE A 172 11.03 -11.48 16.84
C ILE A 172 9.55 -11.87 16.96
N LEU A 173 8.67 -11.00 16.49
CA LEU A 173 7.23 -11.16 16.54
C LEU A 173 6.65 -11.14 15.14
N GLU A 174 5.63 -11.96 14.90
CA GLU A 174 4.90 -11.84 13.64
C GLU A 174 3.88 -10.72 13.77
N MSE A 175 3.77 -9.91 12.72
CA MSE A 175 2.92 -8.71 12.78
C MSE A 175 1.72 -8.81 11.84
O MSE A 175 1.75 -9.52 10.84
CB MSE A 175 3.74 -7.46 12.41
CG MSE A 175 5.06 -7.36 13.16
SE MSE A 175 4.83 -7.18 15.10
CE MSE A 175 4.55 -5.23 15.21
N ASP A 176 0.66 -8.10 12.21
CA ASP A 176 -0.55 -7.97 11.39
C ASP A 176 -0.30 -6.95 10.27
N LYS A 177 -0.41 -7.40 9.02
CA LYS A 177 -0.11 -6.56 7.86
C LYS A 177 -1.11 -5.42 7.65
N LYS A 178 -2.24 -5.48 8.35
CA LYS A 178 -3.27 -4.46 8.19
C LYS A 178 -3.24 -3.42 9.31
N THR A 179 -2.98 -3.87 10.54
CA THR A 179 -3.03 -2.95 11.66
C THR A 179 -1.63 -2.49 12.09
N GLY A 180 -0.63 -3.31 11.78
CA GLY A 180 0.73 -2.99 12.17
C GLY A 180 1.07 -3.44 13.59
N PHE A 181 0.10 -4.05 14.27
CA PHE A 181 0.35 -4.60 15.62
C PHE A 181 0.71 -6.08 15.55
N PRO A 182 1.27 -6.63 16.64
CA PRO A 182 1.58 -8.06 16.64
C PRO A 182 0.33 -8.95 16.54
N LEU A 183 0.46 -10.09 15.86
CA LEU A 183 -0.60 -11.10 15.88
C LEU A 183 -0.78 -11.56 17.32
N PRO A 184 -1.99 -12.01 17.69
CA PRO A 184 -2.24 -12.35 19.09
C PRO A 184 -1.51 -13.60 19.55
N GLY A 185 -1.33 -13.73 20.87
CA GLY A 185 -0.90 -14.98 21.47
C GLY A 185 0.59 -15.25 21.46
N GLN A 186 1.39 -14.22 21.24
CA GLN A 186 2.84 -14.40 21.10
C GLN A 186 3.69 -14.00 22.30
N GLY A 187 3.11 -13.26 23.26
CA GLY A 187 3.91 -12.71 24.34
C GLY A 187 5.01 -11.80 23.79
N TYR A 188 6.26 -12.04 24.18
CA TYR A 188 7.37 -11.24 23.65
C TYR A 188 7.91 -11.77 22.33
N GLY A 189 7.36 -12.90 21.89
CA GLY A 189 7.81 -13.52 20.65
C GLY A 189 8.92 -14.55 20.84
N LYS A 190 9.67 -14.78 19.76
CA LYS A 190 10.67 -15.85 19.75
C LYS A 190 12.07 -15.25 19.88
N LYS A 191 12.88 -15.81 20.77
CA LYS A 191 14.23 -15.29 20.96
C LYS A 191 15.15 -15.73 19.82
N LEU A 192 15.99 -14.82 19.35
CA LEU A 192 17.00 -15.11 18.32
C LEU A 192 18.42 -15.21 18.89
N ILE A 193 18.67 -14.49 19.97
CA ILE A 193 19.99 -14.43 20.60
C ILE A 193 19.89 -13.68 21.94
N GLY A 194 20.79 -13.99 22.87
CA GLY A 194 20.93 -13.20 24.08
C GLY A 194 20.34 -13.81 25.34
N GLY A 195 20.31 -12.99 26.38
CA GLY A 195 19.87 -13.44 27.70
C GLY A 195 20.87 -12.96 28.73
N ASN A 196 20.44 -12.86 29.97
CA ASN A 196 21.34 -12.53 31.07
C ASN A 196 22.10 -11.21 30.88
N HIS A 197 21.41 -10.20 30.35
CA HIS A 197 21.98 -8.87 30.22
C HIS A 197 23.25 -8.85 29.36
N SER A 198 23.19 -9.49 28.19
CA SER A 198 24.26 -9.45 27.21
C SER A 198 24.24 -8.11 26.50
N ARG A 199 25.41 -7.59 26.15
CA ARG A 199 25.45 -6.29 25.49
C ARG A 199 25.25 -6.51 24.00
N ILE A 200 23.98 -6.72 23.64
CA ILE A 200 23.57 -6.94 22.25
C ILE A 200 22.28 -6.16 22.03
N GLU A 201 22.26 -5.33 20.99
CA GLU A 201 21.09 -4.50 20.71
C GLU A 201 21.10 -4.08 19.25
N GLY A 202 20.11 -3.29 18.83
CA GLY A 202 20.10 -2.74 17.48
C GLY A 202 20.01 -3.78 16.37
N ALA A 203 19.13 -4.76 16.55
CA ALA A 203 18.89 -5.77 15.52
C ALA A 203 18.37 -5.17 14.21
N TYR A 204 18.78 -5.76 13.10
CA TYR A 204 18.27 -5.34 11.81
C TYR A 204 18.37 -6.52 10.85
N ILE A 205 17.27 -6.85 10.18
CA ILE A 205 17.28 -8.01 9.27
C ILE A 205 17.15 -7.61 7.81
N LEU A 206 18.12 -8.01 6.99
CA LEU A 206 18.10 -7.73 5.57
C LEU A 206 18.26 -8.99 4.74
N TYR A 207 17.33 -9.20 3.80
CA TYR A 207 17.40 -10.31 2.86
C TYR A 207 18.24 -9.94 1.64
N HIS A 208 19.06 -10.85 1.16
CA HIS A 208 19.76 -10.63 -0.11
C HIS A 208 19.31 -11.66 -1.11
N PRO A 209 18.79 -11.20 -2.27
CA PRO A 209 18.22 -12.10 -3.28
C PRO A 209 19.24 -13.00 -3.97
N GLU A 210 20.52 -12.64 -3.96
CA GLU A 210 21.53 -13.48 -4.62
C GLU A 210 21.92 -14.69 -3.78
N THR A 211 22.09 -14.50 -2.48
CA THR A 211 22.48 -15.59 -1.60
C THR A 211 21.25 -16.28 -1.00
N GLN A 212 20.12 -15.57 -1.02
CA GLN A 212 18.86 -16.04 -0.43
C GLN A 212 18.94 -16.30 1.07
N TYR A 213 19.81 -15.55 1.73
CA TYR A 213 19.87 -15.53 3.19
C TYR A 213 19.26 -14.25 3.74
N TYR A 214 18.63 -14.38 4.90
CA TYR A 214 18.34 -13.24 5.75
C TYR A 214 19.57 -13.00 6.63
N TYR A 215 20.02 -11.75 6.68
CA TYR A 215 21.14 -11.38 7.55
C TYR A 215 20.68 -10.62 8.77
N LEU A 216 20.99 -11.18 9.94
CA LEU A 216 20.71 -10.52 11.21
C LEU A 216 21.90 -9.67 11.61
N TYR A 217 21.79 -8.35 11.41
CA TYR A 217 22.78 -7.42 11.90
C TYR A 217 22.45 -7.07 13.35
N MSE A 218 23.48 -6.79 14.13
CA MSE A 218 23.30 -6.42 15.53
C MSE A 218 24.55 -5.72 16.02
O MSE A 218 25.62 -5.82 15.41
CB MSE A 218 23.00 -7.66 16.37
CG MSE A 218 23.94 -8.79 16.12
SE MSE A 218 23.16 -10.51 16.68
CE MSE A 218 24.29 -11.65 15.55
N SER A 219 24.41 -5.00 17.12
CA SER A 219 25.54 -4.31 17.71
C SER A 219 25.91 -4.97 19.03
N PHE A 220 27.18 -5.31 19.18
CA PHE A 220 27.70 -5.88 20.42
C PHE A 220 28.42 -4.78 21.20
N GLY A 221 28.41 -4.88 22.52
CA GLY A 221 29.09 -3.88 23.34
C GLY A 221 28.27 -2.64 23.65
N GLY A 222 28.96 -1.58 24.06
CA GLY A 222 28.31 -0.35 24.48
C GLY A 222 28.46 0.79 23.48
N LEU A 223 27.40 1.59 23.33
CA LEU A 223 27.39 2.66 22.35
C LEU A 223 28.41 3.78 22.60
N ALA A 224 28.74 4.05 23.85
CA ALA A 224 29.64 5.16 24.17
C ALA A 224 31.04 4.91 23.63
N ALA A 225 31.88 5.96 23.61
CA ALA A 225 33.23 5.82 23.06
C ALA A 225 34.09 4.81 23.83
N ASP A 226 33.71 4.51 25.08
CA ASP A 226 34.44 3.53 25.87
C ASP A 226 33.77 2.15 25.86
N GLY A 227 32.78 1.97 24.97
CA GLY A 227 31.95 0.78 25.00
C GLY A 227 32.32 -0.36 24.05
N GLY A 228 33.19 -0.09 23.08
CA GLY A 228 33.57 -1.13 22.14
C GLY A 228 32.43 -1.56 21.21
N TYR A 229 31.53 -0.63 20.90
CA TYR A 229 30.41 -0.94 20.01
C TYR A 229 30.94 -1.50 18.70
N ASN A 230 30.36 -2.61 18.25
CA ASN A 230 30.77 -3.18 16.98
C ASN A 230 29.63 -3.93 16.32
N ILE A 231 29.52 -3.77 15.00
CA ILE A 231 28.47 -4.40 14.22
C ILE A 231 28.85 -5.84 13.91
N ARG A 232 27.93 -6.76 14.17
CA ARG A 232 28.14 -8.17 13.86
C ARG A 232 26.96 -8.66 13.05
N VAL A 233 27.15 -9.78 12.38
CA VAL A 233 26.09 -10.31 11.53
C VAL A 233 26.04 -11.84 11.66
N ALA A 234 24.85 -12.39 11.45
CA ALA A 234 24.62 -13.82 11.42
C ALA A 234 23.61 -14.05 10.30
N ARG A 235 23.37 -15.28 9.90
CA ARG A 235 22.46 -15.50 8.78
C ARG A 235 21.57 -16.73 8.95
N SER A 236 20.47 -16.73 8.22
CA SER A 236 19.50 -17.81 8.24
C SER A 236 18.76 -17.84 6.91
N LYS A 237 18.30 -19.01 6.49
CA LYS A 237 17.43 -19.09 5.33
C LYS A 237 16.01 -18.60 5.67
N ASN A 238 15.72 -18.43 6.95
CA ASN A 238 14.41 -17.95 7.40
C ASN A 238 14.49 -16.61 8.10
N PRO A 239 13.46 -15.77 7.95
CA PRO A 239 13.47 -14.46 8.61
C PRO A 239 13.53 -14.61 10.14
N ASP A 240 12.90 -15.64 10.67
CA ASP A 240 12.86 -15.84 12.11
C ASP A 240 13.85 -16.87 12.63
N GLY A 241 14.93 -17.09 11.87
CA GLY A 241 16.00 -17.99 12.30
C GLY A 241 15.69 -19.46 12.09
N PRO A 242 16.51 -20.35 12.65
CA PRO A 242 17.66 -20.04 13.52
C PRO A 242 18.81 -19.36 12.78
N TYR A 243 19.46 -18.42 13.47
CA TYR A 243 20.59 -17.69 12.92
C TYR A 243 21.91 -18.30 13.37
N TYR A 244 22.88 -18.30 12.46
CA TYR A 244 24.19 -18.91 12.67
C TYR A 244 25.27 -17.95 12.24
N ASP A 245 26.43 -18.05 12.89
CA ASP A 245 27.58 -17.28 12.42
C ASP A 245 28.40 -18.11 11.43
N ALA A 246 29.57 -17.62 11.02
CA ALA A 246 30.29 -18.30 9.95
C ALA A 246 30.98 -19.60 10.38
N GLU A 247 31.06 -19.83 11.69
CA GLU A 247 31.54 -21.10 12.24
C GLU A 247 30.37 -22.05 12.51
N GLY A 248 29.16 -21.62 12.16
CA GLY A 248 28.00 -22.45 12.41
C GLY A 248 27.54 -22.46 13.87
N HIS A 249 28.07 -21.56 14.68
CA HIS A 249 27.54 -21.44 16.04
C HIS A 249 26.11 -20.89 15.98
N ALA A 250 25.26 -21.43 16.85
CA ALA A 250 23.85 -21.02 16.90
C ALA A 250 23.69 -19.77 17.75
N MSE A 251 23.21 -18.68 17.16
CA MSE A 251 23.03 -17.44 17.89
C MSE A 251 22.08 -17.59 19.08
O MSE A 251 22.23 -16.89 20.09
CB MSE A 251 22.57 -16.31 16.96
CG MSE A 251 23.59 -15.99 15.85
SE MSE A 251 25.37 -15.43 16.53
CE MSE A 251 26.23 -17.21 16.66
N ILE A 252 21.12 -18.50 18.99
CA ILE A 252 20.14 -18.65 20.05
C ILE A 252 20.79 -19.02 21.39
N ASP A 253 21.98 -19.63 21.32
CA ASP A 253 22.69 -20.09 22.52
C ASP A 253 23.69 -19.09 23.09
N VAL A 254 23.84 -17.95 22.42
CA VAL A 254 24.81 -16.93 22.82
C VAL A 254 24.21 -16.00 23.88
N ARG A 255 24.85 -15.94 25.05
CA ARG A 255 24.41 -15.07 26.12
C ARG A 255 25.46 -15.02 27.22
N GLY A 256 25.39 -14.00 28.07
CA GLY A 256 26.22 -13.91 29.24
C GLY A 256 25.91 -15.01 30.23
N LYS A 257 26.86 -15.27 31.13
CA LYS A 257 26.72 -16.30 32.14
C LYS A 257 25.57 -16.00 33.09
N GLU A 258 24.89 -17.04 33.55
CA GLU A 258 23.84 -16.87 34.56
C GLU A 258 24.37 -16.06 35.74
N GLY A 259 23.58 -15.09 36.18
CA GLY A 259 23.91 -14.31 37.36
C GLY A 259 24.88 -13.17 37.12
N THR A 260 25.25 -12.96 35.86
CA THR A 260 26.18 -11.87 35.54
C THR A 260 25.46 -10.75 34.80
N LEU A 261 26.11 -9.59 34.75
CA LEU A 261 25.61 -8.47 33.96
C LEU A 261 26.68 -8.05 32.96
N PHE A 262 26.29 -7.90 31.70
CA PHE A 262 27.21 -7.36 30.68
C PHE A 262 28.47 -8.20 30.51
N ASP A 263 28.30 -9.52 30.51
CA ASP A 263 29.40 -10.45 30.38
C ASP A 263 29.85 -10.48 28.91
N ASP A 264 30.80 -9.60 28.57
CA ASP A 264 31.27 -9.49 27.18
C ASP A 264 32.10 -10.70 26.79
N ARG A 265 32.84 -11.25 27.74
CA ARG A 265 33.72 -12.38 27.43
C ARG A 265 32.95 -13.58 26.90
N SER A 266 31.74 -13.79 27.41
CA SER A 266 30.96 -14.95 27.00
C SER A 266 30.36 -14.83 25.60
N ILE A 267 30.11 -13.60 25.16
CA ILE A 267 29.43 -13.41 23.89
C ILE A 267 30.38 -13.07 22.73
N GLU A 268 31.54 -12.49 23.05
CA GLU A 268 32.43 -12.04 21.99
C GLU A 268 33.00 -13.12 21.05
N PRO A 269 33.00 -14.41 21.47
CA PRO A 269 33.48 -15.38 20.48
C PRO A 269 32.53 -15.62 19.32
N TYR A 270 31.34 -15.02 19.36
CA TYR A 270 30.27 -15.43 18.45
C TYR A 270 29.80 -14.30 17.55
N GLY A 271 29.27 -14.67 16.39
CA GLY A 271 28.88 -13.71 15.37
C GLY A 271 30.02 -13.34 14.45
N VAL A 272 29.70 -12.81 13.28
CA VAL A 272 30.74 -12.31 12.37
C VAL A 272 30.90 -10.81 12.62
N LYS A 273 32.03 -10.40 13.16
CA LYS A 273 32.28 -8.99 13.48
C LYS A 273 32.75 -8.25 12.23
N LEU A 274 31.99 -7.24 11.82
CA LEU A 274 32.26 -6.57 10.54
C LEU A 274 33.17 -5.36 10.66
N MSE A 275 33.17 -4.74 11.83
CA MSE A 275 33.87 -3.46 11.98
C MSE A 275 33.95 -3.07 13.46
O MSE A 275 32.94 -3.11 14.17
CB MSE A 275 33.12 -2.37 11.20
CG MSE A 275 33.68 -0.97 11.35
SE MSE A 275 32.62 0.36 10.31
CE MSE A 275 30.83 -0.29 10.73
N GLY A 276 35.15 -2.70 13.90
CA GLY A 276 35.35 -2.09 15.21
C GLY A 276 36.01 -0.72 15.09
N ASN A 277 36.64 -0.26 16.17
CA ASN A 277 37.30 1.05 16.19
C ASN A 277 38.61 0.97 15.41
N PHE A 278 38.89 1.97 14.57
CA PHE A 278 40.06 1.92 13.72
C PHE A 278 40.48 3.30 13.25
N SER A 279 41.71 3.39 12.76
CA SER A 279 42.19 4.62 12.14
C SER A 279 43.24 4.25 11.11
N PHE A 280 42.97 4.59 9.85
CA PHE A 280 43.95 4.39 8.79
C PHE A 280 45.01 5.48 8.89
N ASN A 281 46.24 5.07 9.11
CA ASN A 281 47.34 6.03 9.20
C ASN A 281 47.14 7.07 10.29
N ASN A 282 46.41 6.70 11.32
CA ASN A 282 46.11 7.61 12.43
C ASN A 282 45.43 8.89 11.96
N LYS A 283 44.80 8.85 10.80
CA LYS A 283 44.07 10.00 10.29
C LYS A 283 42.58 9.74 10.38
N ASN A 284 41.90 10.58 11.15
CA ASN A 284 40.48 10.40 11.42
C ASN A 284 40.24 8.99 11.94
N GLY A 285 39.22 8.31 11.42
CA GLY A 285 38.86 6.98 11.90
C GLY A 285 37.51 6.96 12.59
N TYR A 286 37.09 5.77 13.06
CA TYR A 286 35.80 5.61 13.75
C TYR A 286 35.98 5.03 15.16
N VAL A 287 35.11 5.47 16.07
CA VAL A 287 35.02 4.92 17.42
C VAL A 287 33.58 4.50 17.66
N SER A 288 33.38 3.30 18.17
CA SER A 288 32.05 2.73 18.39
C SER A 288 31.07 2.91 17.22
N PRO A 289 31.50 2.53 16.00
CA PRO A 289 30.52 2.55 14.89
C PRO A 289 29.47 1.47 15.12
N GLY A 290 28.19 1.78 14.95
CA GLY A 290 27.17 0.78 15.22
C GLY A 290 25.74 1.26 15.16
N HIS A 291 24.86 0.47 15.76
CA HIS A 291 23.42 0.53 15.56
C HIS A 291 23.06 0.84 14.12
N ASN A 292 23.20 -0.16 13.27
CA ASN A 292 23.03 0.04 11.85
C ASN A 292 21.64 -0.28 11.37
N SER A 293 21.36 0.21 10.17
CA SER A 293 20.33 -0.38 9.33
C SER A 293 21.04 -0.75 8.03
N ALA A 294 20.30 -1.25 7.06
CA ALA A 294 20.91 -1.69 5.81
C ALA A 294 19.85 -1.67 4.73
N PHE A 295 20.29 -1.48 3.49
CA PHE A 295 19.38 -1.26 2.38
C PHE A 295 19.90 -2.04 1.18
N TYR A 296 19.00 -2.77 0.53
CA TYR A 296 19.29 -3.42 -0.73
C TYR A 296 18.53 -2.71 -1.86
N ASP A 297 19.25 -2.26 -2.88
CA ASP A 297 18.65 -1.52 -3.99
C ASP A 297 18.39 -2.47 -5.16
N GLU A 298 17.11 -2.78 -5.40
CA GLU A 298 16.71 -3.74 -6.42
C GLU A 298 17.18 -3.32 -7.81
N LYS A 299 17.16 -2.01 -8.06
CA LYS A 299 17.51 -1.50 -9.38
C LYS A 299 18.99 -1.69 -9.71
N SER A 300 19.86 -1.35 -8.74
CA SER A 300 21.30 -1.38 -8.98
C SER A 300 21.97 -2.66 -8.50
N GLY A 301 21.30 -3.38 -7.60
CA GLY A 301 21.89 -4.55 -6.99
C GLY A 301 22.88 -4.22 -5.88
N LYS A 302 23.06 -2.93 -5.58
CA LYS A 302 23.97 -2.52 -4.53
C LYS A 302 23.31 -2.66 -3.16
N SER A 303 24.13 -2.90 -2.13
CA SER A 303 23.67 -2.88 -0.74
C SER A 303 24.48 -1.85 0.05
N TYR A 304 23.89 -1.33 1.13
CA TYR A 304 24.49 -0.28 1.93
C TYR A 304 24.28 -0.52 3.41
N LEU A 305 25.32 -0.22 4.19
CA LEU A 305 25.26 -0.26 5.64
C LEU A 305 25.15 1.18 6.10
N ILE A 306 24.12 1.48 6.89
CA ILE A 306 23.90 2.83 7.41
C ILE A 306 24.00 2.77 8.93
N PHE A 307 24.83 3.62 9.52
CA PHE A 307 25.11 3.53 10.95
C PHE A 307 25.53 4.88 11.49
N HIS A 308 25.61 5.01 12.81
CA HIS A 308 26.23 6.21 13.37
C HIS A 308 27.60 5.83 13.87
N THR A 309 28.44 6.83 14.07
CA THR A 309 29.76 6.54 14.61
C THR A 309 30.29 7.74 15.37
N ARG A 310 31.12 7.46 16.37
CA ARG A 310 31.92 8.48 17.02
C ARG A 310 33.30 8.48 16.35
N PHE A 311 34.23 9.32 16.82
CA PHE A 311 35.47 9.56 16.09
C PHE A 311 36.63 9.74 17.05
N PRO A 312 37.81 9.23 16.68
CA PRO A 312 38.94 9.40 17.60
C PRO A 312 39.12 10.85 17.99
N GLY A 313 39.22 11.12 19.28
CA GLY A 313 39.50 12.46 19.77
C GLY A 313 38.34 13.44 19.85
N ARG A 314 37.16 13.03 19.37
CA ARG A 314 36.00 13.94 19.29
C ARG A 314 34.93 13.69 20.36
N GLY A 315 35.30 12.98 21.42
CA GLY A 315 34.38 12.73 22.52
C GLY A 315 33.17 11.92 22.10
N GLU A 316 31.98 12.41 22.46
CA GLU A 316 30.75 11.69 22.15
C GLU A 316 30.04 12.21 20.90
N GLU A 317 30.71 13.09 20.15
CA GLU A 317 30.14 13.55 18.88
C GLU A 317 29.92 12.37 17.94
N HIS A 318 28.77 12.36 17.26
CA HIS A 318 28.48 11.29 16.32
C HIS A 318 27.79 11.85 15.06
N GLU A 319 27.97 11.12 13.96
CA GLU A 319 27.34 11.47 12.69
C GLU A 319 26.94 10.17 11.99
N VAL A 320 26.08 10.30 10.99
CA VAL A 320 25.67 9.18 10.17
C VAL A 320 26.74 8.88 9.15
N ARG A 321 27.02 7.59 8.95
CA ARG A 321 27.91 7.16 7.88
C ARG A 321 27.23 6.07 7.06
N VAL A 322 27.59 6.02 5.79
CA VAL A 322 27.07 5.02 4.87
C VAL A 322 28.24 4.34 4.19
N HIS A 323 28.33 3.00 4.31
CA HIS A 323 29.34 2.23 3.58
C HIS A 323 28.68 1.19 2.70
N GLN A 324 29.17 1.04 1.48
CA GLN A 324 28.70 -0.01 0.59
C GLN A 324 29.01 -1.38 1.19
N LEU A 325 28.05 -2.30 1.06
CA LEU A 325 28.26 -3.70 1.45
C LEU A 325 28.52 -4.54 0.20
N LEU A 326 29.57 -5.35 0.26
CA LEU A 326 29.93 -6.24 -0.84
C LEU A 326 29.66 -7.66 -0.37
N MSE A 327 29.62 -8.61 -1.30
CA MSE A 327 29.30 -9.99 -0.93
C MSE A 327 30.45 -10.92 -1.31
O MSE A 327 30.83 -11.01 -2.48
CB MSE A 327 28.02 -10.45 -1.63
CG MSE A 327 27.46 -11.75 -1.11
SE MSE A 327 26.79 -11.63 0.73
CE MSE A 327 25.04 -10.79 0.43
N ASN A 328 31.00 -11.62 -0.32
CA ASN A 328 32.15 -12.49 -0.60
C ASN A 328 31.68 -13.83 -1.17
N LYS A 329 32.63 -14.65 -1.58
CA LYS A 329 32.32 -15.88 -2.30
C LYS A 329 31.48 -16.86 -1.48
N GLN A 330 31.56 -16.75 -0.16
CA GLN A 330 30.82 -17.65 0.74
C GLN A 330 29.43 -17.13 1.12
N GLY A 331 29.04 -15.99 0.59
CA GLY A 331 27.75 -15.44 0.93
C GLY A 331 27.69 -14.69 2.26
N TRP A 332 28.83 -14.14 2.67
CA TRP A 332 28.88 -13.24 3.82
C TRP A 332 29.17 -11.81 3.35
N PRO A 333 28.47 -10.82 3.91
CA PRO A 333 28.69 -9.44 3.45
C PRO A 333 29.94 -8.86 4.08
N VAL A 334 30.70 -8.09 3.30
CA VAL A 334 31.87 -7.40 3.82
C VAL A 334 31.67 -5.89 3.64
N VAL A 335 32.15 -5.11 4.60
CA VAL A 335 31.99 -3.66 4.55
C VAL A 335 33.15 -3.03 3.79
N ALA A 336 32.86 -2.22 2.78
CA ALA A 336 33.89 -1.44 2.10
C ALA A 336 34.56 -0.54 3.15
N PRO A 337 35.90 -0.42 3.11
CA PRO A 337 36.57 0.32 4.18
C PRO A 337 36.25 1.83 4.25
N HIS A 338 35.92 2.45 3.12
CA HIS A 338 35.61 3.88 3.11
C HIS A 338 34.13 4.17 2.85
N ARG A 339 33.68 5.34 3.32
CA ARG A 339 32.28 5.72 3.17
C ARG A 339 31.89 5.82 1.68
N TYR A 340 30.61 5.64 1.42
CA TYR A 340 30.09 5.61 0.05
C TYR A 340 30.24 6.94 -0.67
N ALA A 341 30.82 6.89 -1.88
CA ALA A 341 31.02 8.10 -2.67
C ALA A 341 30.56 7.89 -4.12
N GLY A 342 29.67 6.93 -4.32
CA GLY A 342 29.14 6.68 -5.65
C GLY A 342 29.88 5.58 -6.42
N GLU A 343 30.85 4.96 -5.77
CA GLU A 343 31.69 3.96 -6.43
C GLU A 343 30.91 2.67 -6.70
N LYS A 344 31.35 1.91 -7.68
CA LYS A 344 30.72 0.63 -7.96
C LYS A 344 31.76 -0.44 -8.22
N LEU A 345 31.36 -1.69 -8.08
CA LEU A 345 32.23 -2.82 -8.33
C LEU A 345 32.66 -2.82 -9.78
N GLU A 346 33.92 -3.19 -10.01
CA GLU A 346 34.52 -3.24 -11.33
C GLU A 346 35.40 -4.46 -11.47
N LYS A 347 35.80 -4.77 -12.69
CA LYS A 347 36.78 -5.82 -12.92
C LYS A 347 38.15 -5.27 -12.55
N VAL A 348 38.87 -5.96 -11.68
CA VAL A 348 40.25 -5.58 -11.40
C VAL A 348 41.20 -6.63 -11.92
N LYS A 349 42.40 -6.19 -12.30
CA LYS A 349 43.43 -7.11 -12.76
C LYS A 349 44.56 -7.13 -11.74
N LYS A 350 45.50 -8.05 -11.90
CA LYS A 350 46.60 -8.21 -10.94
C LYS A 350 47.39 -6.93 -10.71
N SER A 351 47.73 -6.20 -11.77
CA SER A 351 48.52 -4.99 -11.60
C SER A 351 47.78 -3.92 -10.80
N ASP A 352 46.44 -3.96 -10.85
CA ASP A 352 45.62 -2.99 -10.13
C ASP A 352 45.77 -3.16 -8.63
N VAL A 353 45.90 -4.42 -8.20
CA VAL A 353 45.79 -4.72 -6.78
C VAL A 353 47.14 -4.97 -6.09
N ILE A 354 48.18 -5.28 -6.86
CA ILE A 354 49.53 -5.38 -6.33
C ILE A 354 49.93 -4.05 -5.68
N GLY A 355 50.68 -4.11 -4.57
CA GLY A 355 51.17 -2.88 -3.95
C GLY A 355 51.07 -2.82 -2.43
N ASP A 356 51.44 -1.65 -1.89
CA ASP A 356 51.44 -1.44 -0.44
C ASP A 356 50.04 -1.03 0.03
N TYR A 357 49.65 -1.53 1.20
CA TYR A 357 48.34 -1.20 1.77
C TYR A 357 48.47 -0.88 3.26
N GLU A 358 47.56 -0.05 3.75
CA GLU A 358 47.31 0.03 5.18
C GLU A 358 46.33 -1.09 5.51
N LEU A 359 46.67 -1.90 6.50
CA LEU A 359 45.83 -3.03 6.90
C LEU A 359 45.22 -2.78 8.26
N VAL A 360 43.91 -2.94 8.37
CA VAL A 360 43.23 -2.93 9.65
C VAL A 360 42.71 -4.33 9.93
N ARG A 361 43.06 -4.87 11.10
CA ARG A 361 42.56 -6.16 11.54
C ARG A 361 41.59 -5.91 12.68
N HIS A 362 40.30 -6.03 12.40
CA HIS A 362 39.27 -5.67 13.39
C HIS A 362 39.16 -6.67 14.54
N GLY A 363 39.62 -7.90 14.31
CA GLY A 363 39.58 -8.92 15.35
C GLY A 363 38.17 -9.40 15.67
N LYS A 364 38.03 -10.11 16.78
CA LYS A 364 36.72 -10.66 17.13
C LYS A 364 36.28 -10.30 18.55
N ASP A 365 37.03 -9.41 19.20
CA ASP A 365 36.71 -9.00 20.56
C ASP A 365 35.68 -7.88 20.62
N ILE A 366 35.12 -7.67 21.81
CA ILE A 366 34.47 -6.40 22.13
C ILE A 366 35.54 -5.56 22.81
N SER A 367 35.96 -4.50 22.13
CA SER A 367 37.09 -3.70 22.61
C SER A 367 36.91 -2.23 22.28
N ALA A 368 37.18 -1.37 23.25
CA ALA A 368 37.11 0.07 23.04
C ALA A 368 38.41 0.61 22.41
N ASP A 369 39.43 -0.24 22.29
CA ASP A 369 40.72 0.16 21.72
C ASP A 369 40.55 0.66 20.28
N ILE A 370 41.22 1.76 19.94
CA ILE A 370 41.25 2.20 18.55
C ILE A 370 42.43 1.52 17.86
N LYS A 371 42.12 0.70 16.87
CA LYS A 371 43.14 -0.09 16.22
C LYS A 371 43.76 0.66 15.04
N GLU A 372 45.07 0.86 15.11
CA GLU A 372 45.80 1.59 14.07
C GLU A 372 46.13 0.68 12.90
N SER A 373 46.02 1.20 11.68
CA SER A 373 46.39 0.42 10.50
C SER A 373 47.90 0.26 10.47
N LYS A 374 48.35 -0.84 9.86
CA LYS A 374 49.77 -1.10 9.68
C LYS A 374 50.04 -1.44 8.22
N GLU A 375 51.24 -1.13 7.76
CA GLU A 375 51.58 -1.33 6.34
C GLU A 375 51.97 -2.74 5.98
N ILE A 376 51.38 -3.23 4.89
CA ILE A 376 51.71 -4.51 4.31
C ILE A 376 51.91 -4.32 2.82
N ARG A 377 52.46 -5.33 2.16
CA ARG A 377 52.52 -5.33 0.70
C ARG A 377 51.94 -6.61 0.12
N LEU A 378 51.03 -6.45 -0.84
CA LEU A 378 50.60 -7.58 -1.65
C LEU A 378 51.60 -7.66 -2.79
N ASN A 379 52.55 -8.59 -2.69
CA ASN A 379 53.60 -8.72 -3.70
C ASN A 379 53.12 -9.45 -4.95
N GLN A 380 53.79 -9.18 -6.06
CA GLN A 380 53.47 -9.82 -7.32
C GLN A 380 53.54 -11.34 -7.23
N ASN A 381 54.39 -11.85 -6.34
CA ASN A 381 54.58 -13.30 -6.25
C ASN A 381 53.54 -14.01 -5.39
N GLY A 382 52.53 -13.27 -4.94
CA GLY A 382 51.46 -13.88 -4.16
C GLY A 382 51.72 -13.93 -2.67
N LYS A 383 52.82 -13.31 -2.23
CA LYS A 383 53.12 -13.27 -0.81
C LYS A 383 52.73 -11.93 -0.22
N ILE A 384 52.32 -11.95 1.05
CA ILE A 384 52.13 -10.73 1.82
C ILE A 384 53.34 -10.52 2.71
N THR A 385 53.88 -9.30 2.70
CA THR A 385 55.00 -8.95 3.58
C THR A 385 54.68 -7.67 4.35
N GLY A 386 55.59 -7.31 5.27
CA GLY A 386 55.41 -6.10 6.05
C GLY A 386 54.92 -6.42 7.45
N ALA A 387 53.82 -5.81 7.85
CA ALA A 387 53.29 -5.96 9.21
C ALA A 387 52.89 -7.39 9.50
N VAL A 388 52.50 -8.12 8.46
CA VAL A 388 52.18 -9.53 8.60
C VAL A 388 52.80 -10.31 7.46
N ALA A 389 53.01 -11.60 7.68
CA ALA A 389 53.44 -12.50 6.63
C ALA A 389 52.25 -13.37 6.23
N GLY A 390 52.09 -13.58 4.94
CA GLY A 390 51.00 -14.43 4.48
C GLY A 390 50.98 -14.57 2.98
N THR A 391 49.84 -14.99 2.45
CA THR A 391 49.67 -15.14 1.01
C THR A 391 48.35 -14.52 0.56
N TRP A 392 48.25 -14.24 -0.73
CA TRP A 392 47.04 -13.64 -1.26
C TRP A 392 46.89 -14.00 -2.72
N LYS A 393 45.65 -13.96 -3.20
CA LYS A 393 45.40 -14.03 -4.61
C LYS A 393 44.12 -13.30 -4.97
N ASN A 394 44.05 -12.82 -6.20
CA ASN A 394 42.80 -12.28 -6.71
C ASN A 394 42.12 -13.33 -7.58
N THR A 395 40.83 -13.51 -7.40
CA THR A 395 40.08 -14.48 -8.20
C THR A 395 38.84 -13.82 -8.81
N GLY A 396 38.30 -14.45 -9.85
CA GLY A 396 37.15 -13.92 -10.55
C GLY A 396 37.34 -12.48 -10.98
N HIS A 397 36.27 -11.72 -10.88
CA HIS A 397 36.22 -10.31 -11.28
C HIS A 397 37.00 -9.45 -10.29
N ASN A 398 36.79 -9.71 -9.01
CA ASN A 398 37.28 -8.79 -7.99
C ASN A 398 37.30 -9.40 -6.60
N LYS A 399 37.38 -10.73 -6.53
CA LYS A 399 37.49 -11.39 -5.23
C LYS A 399 38.95 -11.46 -4.77
N ILE A 400 39.13 -11.41 -3.46
CA ILE A 400 40.43 -11.64 -2.86
C ILE A 400 40.36 -12.83 -1.93
N GLU A 401 41.45 -13.58 -1.87
CA GLU A 401 41.64 -14.57 -0.82
C GLU A 401 42.98 -14.24 -0.15
N LEU A 402 42.99 -14.21 1.18
CA LEU A 402 44.24 -13.97 1.91
C LEU A 402 44.42 -15.02 2.97
N LYS A 403 45.68 -15.35 3.24
CA LYS A 403 46.00 -16.22 4.37
C LYS A 403 46.95 -15.49 5.30
N ILE A 404 46.43 -15.17 6.48
CA ILE A 404 47.14 -14.37 7.47
C ILE A 404 46.78 -14.91 8.84
N ASP A 405 47.74 -14.90 9.77
CA ASP A 405 47.45 -15.14 11.19
C ASP A 405 46.75 -16.49 11.40
N GLY A 406 47.12 -17.48 10.60
CA GLY A 406 46.59 -18.82 10.71
C GLY A 406 45.18 -19.02 10.17
N LYS A 407 44.66 -17.99 9.51
CA LYS A 407 43.28 -18.02 9.02
C LYS A 407 43.20 -17.72 7.53
N THR A 408 42.07 -18.06 6.92
CA THR A 408 41.82 -17.77 5.52
C THR A 408 40.69 -16.76 5.42
N TYR A 409 40.91 -15.71 4.61
CA TYR A 409 39.96 -14.62 4.49
C TYR A 409 39.47 -14.52 3.07
N ASP A 410 38.17 -14.38 2.90
CA ASP A 410 37.56 -14.24 1.60
C ASP A 410 36.90 -12.89 1.52
N GLY A 411 37.21 -12.13 0.47
CA GLY A 411 36.68 -10.79 0.38
C GLY A 411 36.58 -10.25 -1.02
N VAL A 412 36.46 -8.93 -1.11
CA VAL A 412 36.20 -8.25 -2.36
C VAL A 412 37.08 -7.00 -2.48
N PHE A 413 37.61 -6.76 -3.68
CA PHE A 413 38.35 -5.53 -4.02
C PHE A 413 37.38 -4.45 -4.51
N LEU A 414 37.65 -3.19 -4.16
CA LEU A 414 36.80 -2.09 -4.59
C LEU A 414 37.60 -0.79 -4.64
N ARG A 415 37.56 -0.09 -5.78
CA ARG A 415 38.16 1.24 -5.83
C ARG A 415 37.25 2.23 -5.12
N GLN A 416 37.84 3.04 -4.26
CA GLN A 416 37.08 3.96 -3.43
C GLN A 416 37.72 5.33 -3.35
N TRP A 417 36.94 6.29 -2.89
CA TRP A 417 37.45 7.61 -2.54
C TRP A 417 37.92 7.62 -1.09
N ASP A 418 39.16 8.04 -0.87
CA ASP A 418 39.67 8.24 0.49
C ASP A 418 39.54 9.70 0.83
N ALA A 419 38.69 10.01 1.80
CA ALA A 419 38.34 11.39 2.12
C ALA A 419 39.37 12.09 3.02
N ALA A 420 40.52 11.47 3.23
CA ALA A 420 41.56 12.08 4.07
C ALA A 420 42.72 12.59 3.23
N SER A 421 42.80 12.10 1.99
CA SER A 421 43.83 12.51 1.06
C SER A 421 43.18 12.96 -0.23
N GLU A 422 41.85 12.93 -0.24
CA GLU A 422 41.10 13.35 -1.42
C GLU A 422 41.65 12.66 -2.68
N ARG A 423 41.65 11.34 -2.67
CA ARG A 423 42.20 10.60 -3.79
C ARG A 423 41.54 9.22 -3.88
N LYS A 424 41.50 8.67 -5.09
CA LYS A 424 40.95 7.35 -5.31
C LYS A 424 41.98 6.31 -4.92
N VAL A 425 41.55 5.28 -4.19
CA VAL A 425 42.45 4.24 -3.75
C VAL A 425 41.86 2.86 -4.05
N MSE A 426 42.69 1.83 -4.01
CA MSE A 426 42.20 0.47 -4.13
C MSE A 426 41.98 -0.07 -2.72
O MSE A 426 42.80 0.13 -1.85
CB MSE A 426 43.21 -0.42 -4.87
CG MSE A 426 42.79 -1.90 -4.94
SE MSE A 426 41.09 -2.15 -5.90
CE MSE A 426 41.71 -1.65 -7.70
N THR A 427 40.86 -0.77 -2.50
CA THR A 427 40.63 -1.36 -1.19
C THR A 427 40.33 -2.83 -1.32
N PHE A 428 40.45 -3.56 -0.20
CA PHE A 428 39.87 -4.88 -0.10
C PHE A 428 39.25 -5.03 1.28
N SER A 429 38.29 -5.92 1.40
CA SER A 429 37.62 -6.16 2.66
C SER A 429 37.27 -7.63 2.69
N ALA A 430 37.68 -8.34 3.74
CA ALA A 430 37.52 -9.78 3.74
C ALA A 430 37.20 -10.33 5.13
N LEU A 431 36.73 -11.58 5.16
CA LEU A 431 36.29 -12.22 6.41
C LEU A 431 36.80 -13.65 6.47
N SER A 432 37.12 -14.09 7.69
CA SER A 432 37.46 -15.48 7.94
C SER A 432 36.25 -16.23 8.49
N ARG A 433 36.31 -17.56 8.43
CA ARG A 433 35.27 -18.39 9.03
C ARG A 433 35.11 -18.03 10.51
N GLU A 434 36.25 -17.71 11.13
CA GLU A 434 36.29 -17.38 12.55
C GLU A 434 35.50 -16.12 12.90
N GLY A 435 35.22 -15.31 11.89
CA GLY A 435 34.32 -14.18 12.05
C GLY A 435 35.00 -12.84 12.24
N ASP A 436 36.28 -12.73 11.88
CA ASP A 436 36.96 -11.45 11.98
C ASP A 436 37.24 -10.86 10.60
N ALA A 437 37.26 -9.52 10.55
CA ALA A 437 37.39 -8.78 9.30
C ALA A 437 38.76 -8.16 9.13
N VAL A 438 39.25 -8.17 7.89
CA VAL A 438 40.44 -7.39 7.55
C VAL A 438 40.10 -6.40 6.44
N TRP A 439 40.63 -5.18 6.55
CA TRP A 439 40.43 -4.15 5.53
C TRP A 439 41.78 -3.70 5.03
N GLY A 440 41.88 -3.47 3.73
CA GLY A 440 43.09 -2.89 3.17
C GLY A 440 42.74 -1.64 2.39
N SER A 441 43.59 -0.63 2.49
CA SER A 441 43.43 0.59 1.69
C SER A 441 44.80 0.95 1.14
N SER A 442 44.90 1.10 -0.17
CA SER A 442 46.20 1.16 -0.83
C SER A 442 46.95 2.46 -0.55
N LEU A 443 48.28 2.37 -0.48
CA LEU A 443 49.09 3.57 -0.43
C LEU A 443 49.12 4.28 -1.77
N LYS A 444 49.04 3.51 -2.86
CA LYS A 444 49.02 4.11 -4.19
C LYS A 444 47.64 4.66 -4.51
N ARG A 445 47.59 5.68 -5.36
CA ARG A 445 46.30 6.19 -5.84
C ARG A 445 45.78 5.31 -6.99
N LYS B 5 -43.59 21.41 -6.70
CA LYS B 5 -42.57 22.44 -6.55
C LYS B 5 -41.19 22.02 -7.07
N PRO B 6 -40.77 20.77 -6.82
CA PRO B 6 -39.50 20.32 -7.39
C PRO B 6 -39.44 20.54 -8.90
N VAL B 7 -38.33 21.11 -9.38
CA VAL B 7 -38.15 21.36 -10.81
C VAL B 7 -36.97 20.57 -11.35
N PHE B 8 -37.15 19.94 -12.51
CA PHE B 8 -36.09 19.19 -13.17
C PHE B 8 -35.80 19.75 -14.55
N SER B 9 -34.54 19.70 -14.95
CA SER B 9 -34.14 20.00 -16.32
C SER B 9 -33.30 18.84 -16.79
N GLU B 10 -33.67 18.25 -17.93
CA GLU B 10 -33.10 16.98 -18.35
C GLU B 10 -31.89 17.14 -19.26
N VAL B 11 -30.98 16.17 -19.18
CA VAL B 11 -29.82 16.11 -20.09
C VAL B 11 -29.62 14.71 -20.62
N THR B 12 -28.93 14.63 -21.75
CA THR B 12 -28.65 13.33 -22.37
C THR B 12 -27.15 13.06 -22.33
N VAL B 13 -26.77 12.13 -21.46
CA VAL B 13 -25.37 11.78 -21.28
C VAL B 13 -25.33 10.29 -21.01
N HIS B 14 -24.91 9.52 -22.01
CA HIS B 14 -24.86 8.07 -21.89
C HIS B 14 -23.67 7.69 -21.00
N ASP B 15 -23.88 6.72 -20.11
CA ASP B 15 -22.81 6.22 -19.25
C ASP B 15 -22.18 7.31 -18.38
N PRO B 16 -23.01 8.04 -17.62
CA PRO B 16 -22.53 9.22 -16.88
C PRO B 16 -21.54 8.86 -15.76
N SER B 17 -20.42 9.56 -15.74
CA SER B 17 -19.47 9.43 -14.64
C SER B 17 -19.39 10.74 -13.85
N ILE B 18 -19.89 10.72 -12.61
CA ILE B 18 -20.02 11.91 -11.80
C ILE B 18 -18.70 12.42 -11.21
N ILE B 19 -18.54 13.73 -11.15
CA ILE B 19 -17.42 14.33 -10.43
C ILE B 19 -17.83 15.71 -9.91
N LYS B 20 -17.42 16.02 -8.68
CA LYS B 20 -17.71 17.32 -8.10
C LYS B 20 -16.50 18.24 -8.22
N ALA B 21 -16.72 19.43 -8.78
CA ALA B 21 -15.66 20.42 -8.93
C ALA B 21 -16.23 21.82 -8.88
N ASN B 22 -15.66 22.67 -8.02
CA ASN B 22 -16.09 24.07 -7.92
C ASN B 22 -17.54 24.25 -7.47
N GLY B 23 -17.99 23.43 -6.50
CA GLY B 23 -19.37 23.52 -6.02
C GLY B 23 -20.41 23.00 -7.01
N THR B 24 -19.93 22.54 -8.17
CA THR B 24 -20.82 22.07 -9.22
C THR B 24 -20.56 20.61 -9.51
N TYR B 25 -21.62 19.85 -9.75
CA TYR B 25 -21.49 18.46 -10.18
C TYR B 25 -21.42 18.35 -11.68
N TYR B 26 -20.52 17.51 -12.16
CA TYR B 26 -20.39 17.23 -13.59
C TYR B 26 -20.61 15.75 -13.85
N VAL B 27 -21.20 15.44 -14.99
CA VAL B 27 -21.17 14.07 -15.49
C VAL B 27 -20.47 14.04 -16.84
N PHE B 28 -19.59 13.08 -17.02
CA PHE B 28 -18.93 12.86 -18.31
C PHE B 28 -19.36 11.49 -18.81
N GLY B 29 -19.78 11.44 -20.07
CA GLY B 29 -20.29 10.19 -20.62
C GLY B 29 -19.70 9.87 -21.98
N SER B 30 -20.26 8.85 -22.61
CA SER B 30 -19.82 8.45 -23.93
C SER B 30 -20.04 9.57 -24.94
N HIS B 31 -19.34 9.48 -26.06
CA HIS B 31 -19.48 10.42 -27.16
C HIS B 31 -19.07 11.82 -26.73
N LEU B 32 -18.13 11.88 -25.78
CA LEU B 32 -17.59 13.14 -25.27
C LEU B 32 -18.70 14.08 -24.81
N ALA B 33 -19.78 13.49 -24.30
CA ALA B 33 -20.92 14.22 -23.78
C ALA B 33 -20.67 14.60 -22.33
N SER B 34 -21.25 15.73 -21.90
CA SER B 34 -21.12 16.16 -20.52
C SER B 34 -22.24 17.13 -20.14
N ALA B 35 -22.46 17.26 -18.84
CA ALA B 35 -23.50 18.15 -18.32
C ALA B 35 -23.14 18.52 -16.88
N LYS B 36 -23.74 19.59 -16.37
CA LYS B 36 -23.43 20.03 -15.02
C LYS B 36 -24.69 20.43 -14.25
N SER B 37 -24.58 20.44 -12.93
CA SER B 37 -25.71 20.74 -12.07
C SER B 37 -25.21 21.14 -10.69
N THR B 38 -25.89 22.08 -10.03
CA THR B 38 -25.52 22.39 -8.65
C THR B 38 -26.42 21.67 -7.66
N ASP B 39 -27.54 21.13 -8.13
CA ASP B 39 -28.54 20.56 -7.23
C ASP B 39 -28.92 19.09 -7.50
N LEU B 40 -28.31 18.51 -8.54
CA LEU B 40 -28.56 17.13 -8.95
C LEU B 40 -29.94 16.93 -9.59
N MSE B 41 -30.66 18.02 -9.80
CA MSE B 41 -32.03 18.00 -10.33
C MSE B 41 -32.14 18.78 -11.63
O MSE B 41 -32.77 18.33 -12.59
CB MSE B 41 -32.98 18.59 -9.31
CG MSE B 41 -33.02 17.82 -8.02
SE MSE B 41 -33.98 18.82 -6.64
CE MSE B 41 -35.74 18.88 -7.51
N ASN B 42 -31.53 19.95 -11.65
CA ASN B 42 -31.52 20.77 -12.85
C ASN B 42 -30.15 20.73 -13.52
N TRP B 43 -30.08 20.02 -14.64
CA TRP B 43 -28.83 19.82 -15.33
C TRP B 43 -28.78 20.70 -16.58
N THR B 44 -27.57 21.12 -16.92
CA THR B 44 -27.33 21.91 -18.11
C THR B 44 -26.40 21.12 -19.03
N GLN B 45 -26.82 20.93 -20.27
CA GLN B 45 -26.01 20.19 -21.23
C GLN B 45 -24.80 21.03 -21.62
N ILE B 46 -23.62 20.43 -21.60
CA ILE B 46 -22.39 21.12 -22.00
C ILE B 46 -21.95 20.66 -23.39
N SER B 47 -21.93 19.35 -23.58
CA SER B 47 -21.50 18.77 -24.86
C SER B 47 -22.29 17.49 -25.10
N SER B 48 -22.38 17.07 -26.36
CA SER B 48 -23.25 15.95 -26.73
C SER B 48 -22.65 14.92 -27.67
N SER B 49 -21.57 15.28 -28.37
CA SER B 49 -20.99 14.36 -29.34
C SER B 49 -19.52 14.64 -29.59
N VAL B 50 -18.86 13.69 -30.23
CA VAL B 50 -17.48 13.88 -30.63
C VAL B 50 -17.41 14.72 -31.90
N HIS B 51 -16.84 15.91 -31.80
CA HIS B 51 -16.64 16.79 -32.94
C HIS B 51 -15.54 17.79 -32.60
N ASP B 52 -14.94 18.39 -33.63
CA ASP B 52 -13.78 19.23 -33.42
C ASP B 52 -14.07 20.51 -32.63
N GLY B 53 -15.34 20.89 -32.52
CA GLY B 53 -15.73 22.05 -31.74
C GLY B 53 -16.09 21.75 -30.30
N ASN B 54 -15.99 20.48 -29.92
CA ASN B 54 -16.30 20.09 -28.54
C ASN B 54 -15.35 20.75 -27.54
N PRO B 55 -15.91 21.46 -26.54
CA PRO B 55 -15.09 22.22 -25.60
C PRO B 55 -14.11 21.35 -24.82
N LEU B 56 -14.49 20.10 -24.55
CA LEU B 56 -13.66 19.22 -23.72
C LEU B 56 -12.34 18.89 -24.39
N ILE B 57 -12.39 18.62 -25.69
CA ILE B 57 -11.18 18.35 -26.45
C ILE B 57 -11.29 19.01 -27.81
N PRO B 58 -10.87 20.28 -27.89
CA PRO B 58 -10.83 20.96 -29.19
C PRO B 58 -10.03 20.13 -30.20
N ASN B 59 -10.50 20.07 -31.44
CA ASN B 59 -9.79 19.35 -32.49
C ASN B 59 -9.52 17.91 -32.07
N VAL B 60 -10.52 17.32 -31.41
CA VAL B 60 -10.43 15.95 -30.88
C VAL B 60 -9.94 14.93 -31.90
N TYR B 61 -10.38 15.05 -33.15
CA TYR B 61 -10.01 14.06 -34.16
C TYR B 61 -8.52 14.05 -34.50
N GLU B 62 -7.85 15.18 -34.27
CA GLU B 62 -6.40 15.22 -34.38
C GLU B 62 -5.74 14.88 -33.04
N GLU B 63 -6.29 15.47 -31.97
CA GLU B 63 -5.75 15.28 -30.63
C GLU B 63 -5.66 13.80 -30.24
N LEU B 64 -6.70 13.04 -30.59
CA LEU B 64 -6.74 11.61 -30.26
C LEU B 64 -6.69 10.71 -31.50
N LYS B 65 -6.02 11.17 -32.55
CA LYS B 65 -6.01 10.44 -33.82
C LYS B 65 -5.59 8.98 -33.69
N GLU B 66 -4.58 8.70 -32.87
CA GLU B 66 -4.10 7.32 -32.73
C GLU B 66 -5.19 6.39 -32.20
N THR B 67 -6.01 6.92 -31.29
CA THR B 67 -7.11 6.16 -30.72
C THR B 67 -8.21 5.88 -31.73
N PHE B 68 -8.63 6.91 -32.47
CA PHE B 68 -9.63 6.68 -33.50
C PHE B 68 -9.09 5.74 -34.57
N GLU B 69 -7.79 5.84 -34.86
CA GLU B 69 -7.16 4.98 -35.86
C GLU B 69 -7.16 3.52 -35.41
N TRP B 70 -6.73 3.29 -34.16
CA TRP B 70 -6.70 1.94 -33.62
C TRP B 70 -8.08 1.31 -33.56
N ALA B 71 -9.03 2.06 -33.00
CA ALA B 71 -10.37 1.55 -32.76
C ALA B 71 -11.22 1.53 -34.04
N GLU B 72 -10.74 2.19 -35.10
CA GLU B 72 -11.53 2.32 -36.32
C GLU B 72 -12.94 2.79 -36.00
N SER B 73 -13.02 3.89 -35.24
CA SER B 73 -14.29 4.47 -34.83
C SER B 73 -14.19 5.99 -34.92
N ASP B 74 -15.32 6.67 -35.00
CA ASP B 74 -15.31 8.13 -34.99
C ASP B 74 -15.97 8.67 -33.71
N THR B 75 -16.04 7.83 -32.69
CA THR B 75 -16.58 8.30 -31.43
C THR B 75 -15.81 7.72 -30.24
N LEU B 76 -16.17 8.17 -29.04
CA LEU B 76 -15.54 7.71 -27.82
C LEU B 76 -16.57 7.03 -26.94
N TRP B 77 -16.13 6.05 -26.15
CA TRP B 77 -17.03 5.35 -25.26
C TRP B 77 -16.97 5.95 -23.85
N ALA B 78 -17.36 5.17 -22.83
CA ALA B 78 -17.59 5.72 -21.49
C ALA B 78 -16.31 6.07 -20.76
N PRO B 79 -16.12 7.36 -20.43
CA PRO B 79 -14.88 7.80 -19.81
C PRO B 79 -15.01 7.90 -18.29
N ASP B 80 -13.91 8.25 -17.64
CA ASP B 80 -13.99 8.80 -16.31
C ASP B 80 -13.11 10.04 -16.26
N VAL B 81 -13.50 10.99 -15.42
CA VAL B 81 -12.65 12.14 -15.11
C VAL B 81 -12.46 12.12 -13.61
N THR B 82 -11.22 12.30 -13.17
CA THR B 82 -10.88 12.28 -11.75
C THR B 82 -9.82 13.33 -11.50
N GLN B 83 -9.98 14.08 -10.42
CA GLN B 83 -9.02 15.10 -10.05
C GLN B 83 -7.94 14.47 -9.17
N LEU B 84 -6.68 14.62 -9.57
CA LEU B 84 -5.57 14.07 -8.78
C LEU B 84 -5.02 15.13 -7.84
N GLU B 85 -4.00 14.75 -7.08
CA GLU B 85 -3.53 15.61 -6.00
C GLU B 85 -2.83 16.87 -6.49
N ASP B 86 -2.41 16.88 -7.76
CA ASP B 86 -1.82 18.07 -8.35
C ASP B 86 -2.91 19.08 -8.71
N GLY B 87 -4.16 18.68 -8.51
CA GLY B 87 -5.29 19.56 -8.77
C GLY B 87 -5.80 19.53 -10.20
N LYS B 88 -5.11 18.79 -11.07
CA LYS B 88 -5.52 18.70 -12.46
C LYS B 88 -6.58 17.62 -12.67
N PHE B 89 -7.25 17.67 -13.81
CA PHE B 89 -8.32 16.74 -14.10
C PHE B 89 -7.86 15.71 -15.11
N TYR B 90 -7.94 14.45 -14.72
CA TYR B 90 -7.45 13.34 -15.51
C TYR B 90 -8.59 12.60 -16.18
N MSE B 91 -8.66 12.68 -17.50
CA MSE B 91 -9.69 11.99 -18.26
C MSE B 91 -9.18 10.69 -18.84
O MSE B 91 -8.22 10.66 -19.62
CB MSE B 91 -10.23 12.86 -19.40
CG MSE B 91 -11.28 12.13 -20.23
SE MSE B 91 -11.98 13.16 -21.74
CE MSE B 91 -12.99 14.54 -20.78
N TYR B 92 -9.83 9.60 -18.46
CA TYR B 92 -9.51 8.29 -19.00
C TYR B 92 -10.49 8.01 -20.14
N TYR B 93 -10.02 8.22 -21.36
CA TYR B 93 -10.88 8.14 -22.54
C TYR B 93 -10.64 6.82 -23.26
N ASN B 94 -11.58 6.42 -24.10
CA ASN B 94 -11.45 5.17 -24.83
C ASN B 94 -12.35 5.12 -26.05
N ALA B 95 -11.97 4.30 -27.03
CA ALA B 95 -12.78 4.06 -28.21
C ALA B 95 -12.73 2.59 -28.56
N CYS B 96 -13.81 2.10 -29.15
CA CYS B 96 -13.94 0.69 -29.48
C CYS B 96 -14.60 0.59 -30.86
N ARG B 97 -14.14 -0.34 -31.68
CA ARG B 97 -14.73 -0.52 -33.01
C ARG B 97 -16.23 -0.84 -32.91
N GLY B 98 -16.61 -1.59 -31.88
CA GLY B 98 -18.02 -1.84 -31.62
C GLY B 98 -18.49 -3.23 -31.98
N ASP B 99 -17.80 -3.86 -32.93
CA ASP B 99 -18.14 -5.21 -33.36
C ASP B 99 -17.19 -6.23 -32.75
N SER B 100 -16.29 -5.75 -31.90
CA SER B 100 -15.22 -6.54 -31.32
C SER B 100 -14.47 -5.66 -30.34
N PRO B 101 -13.66 -6.26 -29.45
CA PRO B 101 -12.95 -5.44 -28.46
C PRO B 101 -11.69 -4.79 -29.01
N ARG B 102 -11.78 -4.28 -30.26
CA ARG B 102 -10.69 -3.53 -30.86
C ARG B 102 -10.73 -2.12 -30.29
N SER B 103 -9.95 -1.89 -29.24
CA SER B 103 -10.08 -0.65 -28.47
C SER B 103 -8.75 -0.12 -27.94
N ALA B 104 -8.73 1.17 -27.66
CA ALA B 104 -7.60 1.83 -27.01
C ALA B 104 -8.11 2.69 -25.86
N LEU B 105 -7.35 2.71 -24.78
CA LEU B 105 -7.66 3.47 -23.58
C LEU B 105 -6.46 4.37 -23.30
N GLY B 106 -6.71 5.67 -23.17
CA GLY B 106 -5.64 6.62 -22.98
C GLY B 106 -5.97 7.67 -21.92
N LEU B 107 -5.01 8.56 -21.68
CA LEU B 107 -5.16 9.60 -20.68
C LEU B 107 -5.03 10.99 -21.31
N ALA B 108 -5.96 11.87 -20.95
CA ALA B 108 -5.83 13.28 -21.30
C ALA B 108 -6.04 14.11 -20.04
N VAL B 109 -5.33 15.24 -19.95
CA VAL B 109 -5.31 16.02 -18.71
C VAL B 109 -5.69 17.48 -18.94
N ALA B 110 -6.51 18.02 -18.05
CA ALA B 110 -6.96 19.42 -18.14
C ALA B 110 -6.65 20.19 -16.86
N ASP B 111 -6.40 21.49 -17.00
CA ASP B 111 -6.26 22.39 -15.86
C ASP B 111 -7.62 22.76 -15.32
N ASP B 112 -8.62 22.78 -16.19
CA ASP B 112 -9.98 23.13 -15.80
C ASP B 112 -10.94 21.99 -16.14
N ILE B 113 -11.94 21.81 -15.29
CA ILE B 113 -12.87 20.69 -15.42
C ILE B 113 -13.57 20.64 -16.78
N GLU B 114 -13.85 21.81 -17.36
CA GLU B 114 -14.52 21.86 -18.66
C GLU B 114 -13.55 21.88 -19.85
N GLY B 115 -12.28 21.60 -19.58
CA GLY B 115 -11.30 21.51 -20.65
C GLY B 115 -10.55 22.80 -20.91
N PRO B 116 -9.65 22.78 -21.89
CA PRO B 116 -9.38 21.63 -22.78
C PRO B 116 -8.52 20.55 -22.13
N TYR B 117 -8.82 19.29 -22.46
CA TYR B 117 -8.02 18.15 -22.05
C TYR B 117 -6.98 17.87 -23.13
N LYS B 118 -5.73 17.72 -22.70
CA LYS B 118 -4.62 17.48 -23.60
C LYS B 118 -4.14 16.04 -23.51
N ASN B 119 -4.02 15.39 -24.67
CA ASN B 119 -3.64 13.99 -24.75
C ASN B 119 -2.27 13.70 -24.15
N LYS B 120 -2.22 12.72 -23.24
CA LYS B 120 -0.95 12.26 -22.68
C LYS B 120 -0.57 10.88 -23.24
N GLY B 121 -1.48 10.27 -24.00
CA GLY B 121 -1.17 9.04 -24.70
C GLY B 121 -2.02 7.82 -24.35
N ILE B 122 -2.04 6.86 -25.27
CA ILE B 122 -2.69 5.57 -25.05
C ILE B 122 -1.84 4.72 -24.12
N PHE B 123 -2.45 4.00 -23.18
CA PHE B 123 -1.68 3.14 -22.28
C PHE B 123 -2.19 1.70 -22.19
N LEU B 124 -3.35 1.42 -22.79
CA LEU B 124 -3.83 0.05 -22.94
C LEU B 124 -4.54 -0.14 -24.28
N LYS B 125 -4.41 -1.34 -24.84
CA LYS B 125 -5.09 -1.68 -26.08
C LYS B 125 -5.65 -3.08 -25.97
N SER B 126 -6.77 -3.32 -26.64
CA SER B 126 -7.29 -4.66 -26.81
C SER B 126 -7.64 -4.90 -28.28
N GLY B 127 -7.80 -6.16 -28.65
CA GLY B 127 -8.21 -6.50 -30.01
C GLY B 127 -7.10 -6.51 -31.06
N MSE B 128 -5.85 -6.42 -30.61
CA MSE B 128 -4.70 -6.59 -31.51
C MSE B 128 -4.61 -8.04 -31.93
O MSE B 128 -5.12 -8.93 -31.25
CB MSE B 128 -3.39 -6.19 -30.82
CG MSE B 128 -3.05 -6.99 -29.57
SE MSE B 128 -3.75 -6.15 -27.92
CE MSE B 128 -3.98 -7.65 -26.84
N ASP B 129 -3.94 -8.26 -33.07
CA ASP B 129 -3.74 -9.60 -33.62
C ASP B 129 -2.75 -10.43 -32.83
N GLY B 130 -1.82 -9.77 -32.15
CA GLY B 130 -0.72 -10.47 -31.51
C GLY B 130 -0.62 -10.29 -30.02
N ILE B 131 0.61 -10.06 -29.56
CA ILE B 131 0.91 -9.96 -28.13
C ILE B 131 0.12 -8.84 -27.45
N SER B 132 -0.53 -9.18 -26.33
CA SER B 132 -1.32 -8.23 -25.58
C SER B 132 -0.50 -7.45 -24.56
N ASN B 133 -1.16 -6.58 -23.82
CA ASN B 133 -0.50 -5.81 -22.77
C ASN B 133 0.05 -6.69 -21.64
N ASP B 134 -0.37 -7.95 -21.58
CA ASP B 134 0.15 -8.84 -20.54
C ASP B 134 1.23 -9.79 -21.07
N GLY B 135 1.68 -9.56 -22.30
CA GLY B 135 2.78 -10.31 -22.87
C GLY B 135 2.37 -11.60 -23.55
N THR B 136 1.09 -11.97 -23.42
CA THR B 136 0.57 -13.18 -24.06
C THR B 136 -0.36 -12.78 -25.21
N PRO B 137 -0.56 -13.67 -26.19
CA PRO B 137 -1.45 -13.31 -27.31
C PRO B 137 -2.83 -12.89 -26.83
N TYR B 138 -3.38 -11.86 -27.45
CA TYR B 138 -4.70 -11.35 -27.03
C TYR B 138 -5.78 -12.38 -27.25
N ASP B 139 -6.62 -12.54 -26.23
CA ASP B 139 -7.69 -13.50 -26.25
C ASP B 139 -8.86 -12.90 -25.49
N ALA B 140 -9.89 -12.46 -26.22
CA ALA B 140 -11.03 -11.77 -25.61
C ALA B 140 -11.86 -12.61 -24.63
N THR B 141 -11.61 -13.92 -24.57
CA THR B 141 -12.26 -14.75 -23.55
C THR B 141 -11.63 -14.55 -22.18
N LYS B 142 -10.38 -14.08 -22.16
CA LYS B 142 -9.66 -13.94 -20.90
C LYS B 142 -9.08 -12.53 -20.67
N HIS B 143 -8.95 -11.76 -21.75
CA HIS B 143 -8.46 -10.40 -21.64
C HIS B 143 -9.61 -9.42 -21.78
N PRO B 144 -9.49 -8.26 -21.12
CA PRO B 144 -10.59 -7.29 -21.17
C PRO B 144 -10.67 -6.57 -22.52
N ASN B 145 -11.83 -5.95 -22.75
CA ASN B 145 -12.00 -4.88 -23.71
C ASN B 145 -11.64 -3.61 -22.94
N VAL B 146 -10.70 -2.82 -23.44
CA VAL B 146 -10.11 -1.74 -22.64
C VAL B 146 -10.96 -0.46 -22.65
N VAL B 147 -12.15 -0.56 -22.08
CA VAL B 147 -13.11 0.54 -22.07
C VAL B 147 -13.75 0.67 -20.68
N ASP B 148 -14.60 1.69 -20.50
CA ASP B 148 -15.38 1.85 -19.27
C ASP B 148 -14.56 1.96 -17.98
N PRO B 149 -13.56 2.84 -17.94
CA PRO B 149 -12.80 2.99 -16.69
C PRO B 149 -13.51 3.77 -15.59
N HIS B 150 -13.16 3.45 -14.35
CA HIS B 150 -13.43 4.32 -13.21
C HIS B 150 -12.15 4.42 -12.42
N THR B 151 -11.58 5.62 -12.35
CA THR B 151 -10.35 5.87 -11.61
C THR B 151 -10.67 6.56 -10.29
N PHE B 152 -10.24 5.97 -9.18
CA PHE B 152 -10.67 6.43 -7.87
C PHE B 152 -9.60 6.22 -6.80
N PHE B 153 -9.61 7.09 -5.80
CA PHE B 153 -8.76 6.90 -4.62
C PHE B 153 -9.47 6.00 -3.61
N ASP B 154 -8.74 5.04 -3.04
CA ASP B 154 -9.30 4.27 -1.96
C ASP B 154 -9.16 5.05 -0.67
N GLN B 155 -9.60 4.48 0.44
CA GLN B 155 -9.66 5.23 1.68
C GLN B 155 -8.29 5.49 2.28
N ASN B 156 -7.28 4.77 1.79
CA ASN B 156 -5.89 4.96 2.21
C ASN B 156 -5.13 5.98 1.34
N GLY B 157 -5.80 6.48 0.31
CA GLY B 157 -5.18 7.44 -0.59
C GLY B 157 -4.44 6.80 -1.76
N LYS B 158 -4.59 5.50 -1.94
CA LYS B 158 -4.02 4.83 -3.11
C LYS B 158 -4.93 5.04 -4.32
N LEU B 159 -4.35 5.07 -5.51
CA LEU B 159 -5.11 5.32 -6.73
C LEU B 159 -5.31 4.04 -7.53
N TRP B 160 -6.55 3.81 -7.96
CA TRP B 160 -6.90 2.60 -8.69
C TRP B 160 -7.72 2.94 -9.92
N MSE B 161 -7.68 2.08 -10.92
CA MSE B 161 -8.64 2.15 -12.03
C MSE B 161 -9.28 0.78 -12.29
O MSE B 161 -8.57 -0.17 -12.61
CB MSE B 161 -7.98 2.68 -13.30
CG MSE B 161 -8.95 2.81 -14.47
SE MSE B 161 -8.03 3.26 -16.14
CE MSE B 161 -7.16 1.52 -16.46
N VAL B 162 -10.59 0.69 -12.13
CA VAL B 162 -11.32 -0.52 -12.50
C VAL B 162 -11.94 -0.26 -13.87
N TYR B 163 -12.04 -1.29 -14.71
CA TYR B 163 -12.47 -1.09 -16.09
C TYR B 163 -12.87 -2.40 -16.74
N GLY B 164 -13.38 -2.33 -17.96
CA GLY B 164 -13.73 -3.52 -18.73
C GLY B 164 -15.17 -3.52 -19.24
N SER B 165 -15.40 -4.31 -20.28
CA SER B 165 -16.74 -4.53 -20.79
C SER B 165 -16.77 -5.82 -21.56
N TYR B 166 -17.65 -6.74 -21.15
CA TYR B 166 -17.78 -8.03 -21.82
C TYR B 166 -16.40 -8.70 -21.91
N SER B 167 -16.10 -9.30 -23.06
CA SER B 167 -14.80 -9.98 -23.26
C SER B 167 -14.33 -10.75 -22.02
N GLY B 168 -13.11 -10.48 -21.57
CA GLY B 168 -12.48 -11.26 -20.53
C GLY B 168 -12.88 -10.92 -19.11
N GLY B 169 -13.65 -9.83 -18.95
CA GLY B 169 -14.15 -9.47 -17.64
C GLY B 169 -13.79 -8.08 -17.15
N ILE B 170 -13.94 -7.86 -15.85
CA ILE B 170 -13.68 -6.58 -15.22
C ILE B 170 -12.38 -6.66 -14.46
N PHE B 171 -11.48 -5.70 -14.67
CA PHE B 171 -10.13 -5.72 -14.10
C PHE B 171 -9.84 -4.44 -13.34
N ILE B 172 -8.86 -4.51 -12.43
CA ILE B 172 -8.44 -3.34 -11.68
C ILE B 172 -6.93 -3.20 -11.66
N LEU B 173 -6.48 -1.97 -11.88
CA LEU B 173 -5.06 -1.65 -11.94
C LEU B 173 -4.71 -0.63 -10.86
N GLU B 174 -3.53 -0.77 -10.25
CA GLU B 174 -3.06 0.27 -9.36
C GLU B 174 -2.40 1.38 -10.17
N MSE B 175 -2.68 2.64 -9.81
CA MSE B 175 -2.25 3.78 -10.62
C MSE B 175 -1.18 4.63 -9.93
O MSE B 175 -1.15 4.72 -8.70
CB MSE B 175 -3.46 4.66 -10.97
CG MSE B 175 -4.64 3.89 -11.54
SE MSE B 175 -4.23 2.99 -13.24
CE MSE B 175 -4.55 4.48 -14.47
N ASP B 176 -0.33 5.25 -10.74
CA ASP B 176 0.68 6.19 -10.26
C ASP B 176 -0.01 7.52 -9.96
N LYS B 177 0.08 7.96 -8.70
CA LYS B 177 -0.62 9.17 -8.25
C LYS B 177 -0.07 10.47 -8.80
N LYS B 178 1.11 10.42 -9.42
CA LYS B 178 1.72 11.61 -10.00
C LYS B 178 1.50 11.70 -11.51
N THR B 179 1.57 10.57 -12.20
CA THR B 179 1.44 10.58 -13.66
C THR B 179 0.04 10.20 -14.13
N GLY B 180 -0.69 9.48 -13.29
CA GLY B 180 -2.03 9.03 -13.66
C GLY B 180 -2.04 7.78 -14.55
N PHE B 181 -0.86 7.27 -14.89
CA PHE B 181 -0.74 6.02 -15.62
C PHE B 181 -0.61 4.85 -14.64
N PRO B 182 -0.84 3.61 -15.11
CA PRO B 182 -0.71 2.47 -14.22
C PRO B 182 0.73 2.27 -13.74
N LEU B 183 0.90 1.76 -12.53
CA LEU B 183 2.23 1.38 -12.08
C LEU B 183 2.73 0.29 -13.03
N PRO B 184 4.05 0.20 -13.26
CA PRO B 184 4.58 -0.79 -14.21
C PRO B 184 4.36 -2.25 -13.79
N GLY B 185 4.33 -3.14 -14.77
CA GLY B 185 4.41 -4.57 -14.53
C GLY B 185 3.13 -5.30 -14.20
N GLN B 186 1.99 -4.66 -14.47
CA GLN B 186 0.69 -5.22 -14.09
C GLN B 186 -0.08 -5.89 -15.22
N GLY B 187 0.33 -5.64 -16.46
CA GLY B 187 -0.44 -6.12 -17.59
C GLY B 187 -1.81 -5.46 -17.59
N TYR B 188 -2.87 -6.28 -17.63
CA TYR B 188 -4.23 -5.76 -17.58
C TYR B 188 -4.75 -5.64 -16.15
N GLY B 189 -3.95 -6.08 -15.19
CA GLY B 189 -4.31 -5.97 -13.80
C GLY B 189 -5.00 -7.21 -13.26
N LYS B 190 -5.74 -7.03 -12.16
CA LYS B 190 -6.35 -8.15 -11.44
C LYS B 190 -7.83 -8.28 -11.80
N LYS B 191 -8.27 -9.49 -12.16
CA LYS B 191 -9.69 -9.68 -12.48
C LYS B 191 -10.56 -9.68 -11.24
N LEU B 192 -11.74 -9.06 -11.35
CA LEU B 192 -12.71 -9.02 -10.25
C LEU B 192 -13.94 -9.88 -10.54
N ILE B 193 -14.29 -10.00 -11.80
CA ILE B 193 -15.47 -10.78 -12.20
C ILE B 193 -15.46 -10.94 -13.71
N GLY B 194 -16.10 -11.99 -14.20
CA GLY B 194 -16.36 -12.14 -15.62
C GLY B 194 -15.45 -13.10 -16.36
N GLY B 195 -15.52 -13.07 -17.69
CA GLY B 195 -14.78 -13.96 -18.56
C GLY B 195 -15.74 -14.54 -19.57
N ASN B 196 -15.21 -15.06 -20.68
CA ASN B 196 -16.04 -15.72 -21.68
C ASN B 196 -17.18 -14.83 -22.22
N HIS B 197 -16.88 -13.55 -22.43
CA HIS B 197 -17.84 -12.65 -23.04
C HIS B 197 -19.15 -12.56 -22.27
N SER B 198 -19.04 -12.45 -20.95
CA SER B 198 -20.19 -12.20 -20.09
C SER B 198 -20.68 -10.77 -20.30
N ARG B 199 -21.99 -10.58 -20.28
CA ARG B 199 -22.54 -9.24 -20.44
C ARG B 199 -22.48 -8.46 -19.12
N ILE B 200 -21.27 -8.02 -18.79
CA ILE B 200 -21.01 -7.24 -17.60
C ILE B 200 -20.09 -6.08 -17.99
N GLU B 201 -20.49 -4.86 -17.65
CA GLU B 201 -19.68 -3.68 -17.99
C GLU B 201 -20.01 -2.54 -17.02
N GLY B 202 -19.41 -1.38 -17.27
CA GLY B 202 -19.68 -0.20 -16.46
C GLY B 202 -19.40 -0.35 -14.99
N ALA B 203 -18.25 -0.94 -14.64
CA ALA B 203 -17.88 -1.07 -13.22
C ALA B 203 -17.71 0.30 -12.57
N TYR B 204 -18.04 0.39 -11.28
CA TYR B 204 -17.85 1.61 -10.53
C TYR B 204 -17.71 1.24 -9.07
N ILE B 205 -16.66 1.73 -8.41
CA ILE B 205 -16.40 1.35 -7.03
C ILE B 205 -16.57 2.52 -6.06
N LEU B 206 -17.43 2.33 -5.07
CA LEU B 206 -17.70 3.36 -4.07
C LEU B 206 -17.51 2.80 -2.67
N TYR B 207 -16.70 3.49 -1.88
CA TYR B 207 -16.55 3.17 -0.47
C TYR B 207 -17.63 3.88 0.34
N HIS B 208 -18.24 3.18 1.28
CA HIS B 208 -19.15 3.86 2.19
C HIS B 208 -18.65 3.78 3.62
N PRO B 209 -18.48 4.94 4.26
CA PRO B 209 -17.82 5.05 5.56
C PRO B 209 -18.59 4.38 6.70
N GLU B 210 -19.91 4.28 6.59
CA GLU B 210 -20.66 3.73 7.72
C GLU B 210 -20.71 2.20 7.75
N THR B 211 -20.39 1.56 6.63
CA THR B 211 -20.28 0.10 6.62
C THR B 211 -18.83 -0.34 6.43
N GLN B 212 -17.99 0.59 5.97
CA GLN B 212 -16.58 0.32 5.69
C GLN B 212 -16.37 -0.77 4.64
N TYR B 213 -17.30 -0.86 3.70
CA TYR B 213 -17.14 -1.73 2.53
C TYR B 213 -16.92 -0.90 1.29
N TYR B 214 -16.16 -1.44 0.35
CA TYR B 214 -16.15 -0.96 -1.03
C TYR B 214 -17.24 -1.69 -1.78
N TYR B 215 -18.02 -0.95 -2.55
CA TYR B 215 -19.14 -1.51 -3.31
C TYR B 215 -18.82 -1.46 -4.78
N LEU B 216 -18.80 -2.63 -5.40
CA LEU B 216 -18.57 -2.74 -6.84
C LEU B 216 -19.91 -2.73 -7.55
N TYR B 217 -20.25 -1.59 -8.15
CA TYR B 217 -21.44 -1.48 -8.96
C TYR B 217 -21.05 -1.89 -10.37
N MSE B 218 -22.01 -2.46 -11.09
CA MSE B 218 -21.78 -2.88 -12.46
C MSE B 218 -23.12 -3.05 -13.15
O MSE B 218 -24.17 -3.12 -12.50
CB MSE B 218 -21.00 -4.20 -12.48
CG MSE B 218 -21.53 -5.20 -11.50
SE MSE B 218 -20.25 -6.64 -11.09
CE MSE B 218 -21.15 -7.35 -9.49
N SER B 219 -23.09 -3.09 -14.48
CA SER B 219 -24.31 -3.31 -15.25
C SER B 219 -24.27 -4.67 -15.91
N PHE B 220 -25.33 -5.45 -15.72
CA PHE B 220 -25.49 -6.76 -16.36
C PHE B 220 -26.42 -6.60 -17.56
N GLY B 221 -26.20 -7.39 -18.61
CA GLY B 221 -27.08 -7.36 -19.76
C GLY B 221 -26.66 -6.35 -20.80
N GLY B 222 -27.60 -6.00 -21.68
CA GLY B 222 -27.32 -5.10 -22.79
C GLY B 222 -27.94 -3.73 -22.60
N LEU B 223 -27.23 -2.70 -23.05
CA LEU B 223 -27.68 -1.32 -22.86
C LEU B 223 -28.94 -0.95 -23.66
N ALA B 224 -29.20 -1.62 -24.78
CA ALA B 224 -30.36 -1.26 -25.61
C ALA B 224 -31.69 -1.54 -24.90
N ALA B 225 -32.79 -1.02 -25.45
CA ALA B 225 -34.09 -1.20 -24.82
C ALA B 225 -34.48 -2.68 -24.74
N ASP B 226 -33.94 -3.50 -25.63
CA ASP B 226 -34.22 -4.92 -25.60
C ASP B 226 -33.15 -5.72 -24.87
N GLY B 227 -32.25 -5.04 -24.16
CA GLY B 227 -31.07 -5.70 -23.60
C GLY B 227 -31.14 -6.16 -22.16
N GLY B 228 -32.13 -5.67 -21.42
CA GLY B 228 -32.29 -6.03 -20.01
C GLY B 228 -31.23 -5.48 -19.08
N TYR B 229 -30.64 -4.34 -19.45
CA TYR B 229 -29.62 -3.68 -18.62
C TYR B 229 -30.11 -3.54 -17.19
N ASN B 230 -29.29 -3.93 -16.22
CA ASN B 230 -29.65 -3.76 -14.82
C ASN B 230 -28.42 -3.59 -13.95
N ILE B 231 -28.51 -2.67 -12.99
CA ILE B 231 -27.41 -2.38 -12.09
C ILE B 231 -27.35 -3.41 -10.98
N ARG B 232 -26.17 -3.97 -10.77
CA ARG B 232 -25.94 -4.91 -9.67
C ARG B 232 -24.78 -4.43 -8.82
N VAL B 233 -24.68 -4.95 -7.60
CA VAL B 233 -23.62 -4.55 -6.71
C VAL B 233 -23.08 -5.75 -5.95
N ALA B 234 -21.79 -5.69 -5.63
CA ALA B 234 -21.15 -6.66 -4.75
C ALA B 234 -20.28 -5.84 -3.80
N ARG B 235 -19.72 -6.48 -2.77
CA ARG B 235 -18.93 -5.70 -1.81
C ARG B 235 -17.66 -6.41 -1.35
N SER B 236 -16.71 -5.64 -0.84
CA SER B 236 -15.46 -6.17 -0.36
C SER B 236 -14.85 -5.21 0.66
N LYS B 237 -14.05 -5.74 1.59
CA LYS B 237 -13.32 -4.89 2.51
C LYS B 237 -12.13 -4.19 1.83
N ASN B 238 -11.79 -4.64 0.63
CA ASN B 238 -10.66 -4.08 -0.11
C ASN B 238 -11.11 -3.47 -1.42
N PRO B 239 -10.46 -2.38 -1.86
CA PRO B 239 -10.85 -1.80 -3.14
C PRO B 239 -10.65 -2.78 -4.30
N ASP B 240 -9.62 -3.62 -4.19
CA ASP B 240 -9.31 -4.58 -5.24
C ASP B 240 -9.84 -6.00 -4.96
N GLY B 241 -10.89 -6.10 -4.14
CA GLY B 241 -11.54 -7.36 -3.90
C GLY B 241 -10.81 -8.24 -2.89
N PRO B 242 -11.24 -9.50 -2.74
CA PRO B 242 -12.28 -10.15 -3.56
C PRO B 242 -13.68 -9.65 -3.23
N TYR B 243 -14.55 -9.59 -4.24
CA TYR B 243 -15.92 -9.13 -4.09
C TYR B 243 -16.91 -10.29 -3.95
N TYR B 244 -17.94 -10.08 -3.13
CA TYR B 244 -18.96 -11.09 -2.86
C TYR B 244 -20.33 -10.47 -2.92
N ASP B 245 -21.34 -11.28 -3.26
CA ASP B 245 -22.72 -10.82 -3.17
C ASP B 245 -23.32 -11.18 -1.81
N ALA B 246 -24.61 -10.95 -1.64
CA ALA B 246 -25.23 -11.10 -0.32
C ALA B 246 -25.39 -12.57 0.13
N GLU B 247 -25.31 -13.49 -0.83
CA GLU B 247 -25.33 -14.92 -0.51
C GLU B 247 -23.92 -15.46 -0.25
N GLY B 248 -22.93 -14.59 -0.37
CA GLY B 248 -21.55 -15.01 -0.16
C GLY B 248 -20.91 -15.67 -1.36
N HIS B 249 -21.53 -15.52 -2.53
CA HIS B 249 -20.96 -16.03 -3.77
C HIS B 249 -19.79 -15.14 -4.15
N ALA B 250 -18.69 -15.74 -4.60
CA ALA B 250 -17.52 -14.98 -5.03
C ALA B 250 -17.69 -14.48 -6.45
N MSE B 251 -17.54 -13.17 -6.65
CA MSE B 251 -17.72 -12.60 -7.97
C MSE B 251 -16.66 -13.06 -8.96
O MSE B 251 -16.93 -13.14 -10.16
CB MSE B 251 -17.77 -11.07 -7.90
CG MSE B 251 -18.97 -10.51 -7.11
SE MSE B 251 -20.77 -11.05 -7.79
CE MSE B 251 -20.97 -12.77 -6.85
N ILE B 252 -15.46 -13.35 -8.48
CA ILE B 252 -14.39 -13.80 -9.36
C ILE B 252 -14.76 -15.06 -10.15
N ASP B 253 -15.71 -15.82 -9.63
CA ASP B 253 -16.12 -17.07 -10.27
C ASP B 253 -17.31 -16.91 -11.21
N VAL B 254 -17.82 -15.69 -11.33
CA VAL B 254 -18.99 -15.42 -12.17
C VAL B 254 -18.58 -15.16 -13.62
N ARG B 255 -19.08 -15.96 -14.53
CA ARG B 255 -18.80 -15.78 -15.95
C ARG B 255 -19.70 -16.69 -16.79
N GLY B 256 -19.82 -16.37 -18.08
CA GLY B 256 -20.52 -17.26 -19.00
C GLY B 256 -19.80 -18.58 -19.20
N LYS B 257 -20.52 -19.57 -19.69
CA LYS B 257 -19.96 -20.90 -19.95
C LYS B 257 -18.81 -20.85 -20.96
N GLU B 258 -17.80 -21.68 -20.76
CA GLU B 258 -16.70 -21.75 -21.71
C GLU B 258 -17.23 -22.01 -23.13
N GLY B 259 -16.68 -21.31 -24.10
CA GLY B 259 -17.06 -21.50 -25.50
C GLY B 259 -18.28 -20.72 -25.95
N THR B 260 -18.99 -20.10 -25.00
CA THR B 260 -20.19 -19.35 -25.35
C THR B 260 -19.96 -17.84 -25.37
N LEU B 261 -20.90 -17.14 -25.98
CA LEU B 261 -20.90 -15.68 -26.00
C LEU B 261 -22.17 -15.16 -25.36
N PHE B 262 -22.04 -14.18 -24.47
CA PHE B 262 -23.20 -13.48 -23.95
C PHE B 262 -24.18 -14.40 -23.22
N ASP B 263 -23.62 -15.35 -22.48
CA ASP B 263 -24.39 -16.31 -21.70
C ASP B 263 -25.01 -15.61 -20.47
N ASP B 264 -26.22 -15.10 -20.62
CA ASP B 264 -26.88 -14.40 -19.52
C ASP B 264 -27.31 -15.35 -18.43
N ARG B 265 -27.67 -16.57 -18.82
CA ARG B 265 -28.23 -17.51 -17.86
C ARG B 265 -27.22 -17.90 -16.77
N SER B 266 -25.94 -18.01 -17.13
CA SER B 266 -24.91 -18.40 -16.16
C SER B 266 -24.53 -17.31 -15.16
N ILE B 267 -24.72 -16.05 -15.52
CA ILE B 267 -24.33 -14.96 -14.61
C ILE B 267 -25.49 -14.38 -13.82
N GLU B 268 -26.72 -14.54 -14.30
CA GLU B 268 -27.85 -13.84 -13.67
C GLU B 268 -28.17 -14.27 -12.23
N PRO B 269 -27.72 -15.47 -11.79
CA PRO B 269 -28.03 -15.79 -10.39
C PRO B 269 -27.16 -15.03 -9.40
N TYR B 270 -26.21 -14.23 -9.87
CA TYR B 270 -25.19 -13.67 -8.98
C TYR B 270 -25.17 -12.15 -8.94
N GLY B 271 -24.71 -11.62 -7.82
CA GLY B 271 -24.73 -10.19 -7.59
C GLY B 271 -26.04 -9.78 -6.96
N VAL B 272 -26.07 -8.59 -6.38
CA VAL B 272 -27.30 -8.03 -5.84
C VAL B 272 -27.87 -7.10 -6.89
N LYS B 273 -29.05 -7.46 -7.41
CA LYS B 273 -29.68 -6.66 -8.46
C LYS B 273 -30.50 -5.54 -7.83
N LEU B 274 -30.15 -4.29 -8.15
CA LEU B 274 -30.78 -3.15 -7.50
C LEU B 274 -32.00 -2.61 -8.23
N MSE B 275 -32.07 -2.82 -9.54
CA MSE B 275 -33.11 -2.16 -10.33
C MSE B 275 -33.16 -2.76 -11.73
O MSE B 275 -32.10 -2.94 -12.36
CB MSE B 275 -32.77 -0.67 -10.43
CG MSE B 275 -33.78 0.14 -11.27
SE MSE B 275 -33.31 2.05 -11.29
CE MSE B 275 -31.36 1.89 -11.48
N GLY B 276 -34.36 -3.08 -12.21
CA GLY B 276 -34.58 -3.47 -13.59
C GLY B 276 -35.63 -2.56 -14.24
N ASN B 277 -36.20 -3.00 -15.36
CA ASN B 277 -37.23 -2.20 -16.03
C ASN B 277 -38.51 -2.23 -15.22
N PHE B 278 -39.18 -1.09 -15.11
CA PHE B 278 -40.38 -1.03 -14.30
C PHE B 278 -41.25 0.16 -14.68
N SER B 279 -42.51 0.11 -14.26
CA SER B 279 -43.39 1.25 -14.39
C SER B 279 -44.39 1.26 -13.24
N PHE B 280 -44.40 2.34 -12.46
CA PHE B 280 -45.39 2.49 -11.40
C PHE B 280 -46.71 2.94 -12.00
N ASN B 281 -47.74 2.12 -11.83
CA ASN B 281 -49.05 2.45 -12.38
C ASN B 281 -49.03 2.70 -13.88
N ASN B 282 -48.12 2.04 -14.57
CA ASN B 282 -47.97 2.18 -16.01
C ASN B 282 -47.76 3.62 -16.46
N LYS B 283 -47.28 4.45 -15.54
CA LYS B 283 -47.03 5.85 -15.85
C LYS B 283 -45.53 6.07 -15.89
N ASN B 284 -45.05 6.47 -17.06
CA ASN B 284 -43.62 6.62 -17.26
C ASN B 284 -42.92 5.31 -16.92
N GLY B 285 -41.77 5.40 -16.24
CA GLY B 285 -41.00 4.22 -15.90
C GLY B 285 -39.61 4.21 -16.55
N TYR B 286 -38.82 3.18 -16.26
CA TYR B 286 -37.47 3.04 -16.84
C TYR B 286 -37.33 1.75 -17.61
N VAL B 287 -36.55 1.82 -18.70
CA VAL B 287 -36.13 0.67 -19.48
C VAL B 287 -34.60 0.71 -19.57
N SER B 288 -33.96 -0.42 -19.27
CA SER B 288 -32.50 -0.51 -19.27
C SER B 288 -31.78 0.60 -18.49
N PRO B 289 -32.24 0.88 -17.26
CA PRO B 289 -31.47 1.84 -16.47
C PRO B 289 -30.11 1.23 -16.13
N GLY B 290 -29.03 1.96 -16.38
CA GLY B 290 -27.72 1.39 -16.09
C GLY B 290 -26.52 2.27 -16.38
N HIS B 291 -25.37 1.60 -16.40
CA HIS B 291 -24.05 2.24 -16.44
C HIS B 291 -23.97 3.42 -15.50
N ASN B 292 -23.86 3.12 -14.21
CA ASN B 292 -23.95 4.13 -13.18
C ASN B 292 -22.60 4.63 -12.71
N SER B 293 -22.66 5.76 -12.02
CA SER B 293 -21.62 6.16 -11.10
C SER B 293 -22.33 6.40 -9.79
N ALA B 294 -21.60 6.82 -8.78
CA ALA B 294 -22.20 7.02 -7.47
C ALA B 294 -21.29 7.91 -6.66
N PHE B 295 -21.84 8.56 -5.64
CA PHE B 295 -20.96 9.26 -4.72
C PHE B 295 -21.55 9.43 -3.36
N TYR B 296 -20.63 9.62 -2.41
CA TYR B 296 -20.97 9.88 -1.03
C TYR B 296 -20.70 11.35 -0.75
N ASP B 297 -21.69 12.04 -0.21
CA ASP B 297 -21.58 13.46 0.08
C ASP B 297 -21.19 13.68 1.54
N GLU B 298 -19.93 14.03 1.78
CA GLU B 298 -19.42 14.17 3.15
C GLU B 298 -20.11 15.29 3.94
N LYS B 299 -20.60 16.31 3.25
CA LYS B 299 -21.28 17.43 3.90
C LYS B 299 -22.60 17.04 4.57
N SER B 300 -23.34 16.11 3.96
CA SER B 300 -24.67 15.77 4.43
C SER B 300 -24.77 14.33 4.93
N GLY B 301 -23.82 13.50 4.52
CA GLY B 301 -23.87 12.08 4.81
C GLY B 301 -24.71 11.26 3.83
N LYS B 302 -25.25 11.91 2.79
CA LYS B 302 -26.10 11.25 1.82
C LYS B 302 -25.31 10.59 0.68
N SER B 303 -25.90 9.58 0.04
CA SER B 303 -25.28 8.91 -1.11
C SER B 303 -26.24 8.89 -2.29
N TYR B 304 -25.67 8.87 -3.50
CA TYR B 304 -26.47 8.98 -4.71
C TYR B 304 -26.00 8.04 -5.80
N LEU B 305 -26.96 7.54 -6.56
CA LEU B 305 -26.70 6.71 -7.73
C LEU B 305 -27.04 7.55 -8.96
N ILE B 306 -26.09 7.66 -9.88
CA ILE B 306 -26.27 8.44 -11.10
C ILE B 306 -26.16 7.51 -12.29
N PHE B 307 -27.14 7.54 -13.19
CA PHE B 307 -27.15 6.60 -14.30
C PHE B 307 -27.92 7.16 -15.49
N HIS B 308 -27.84 6.49 -16.63
CA HIS B 308 -28.73 6.87 -17.73
C HIS B 308 -29.83 5.84 -17.79
N THR B 309 -30.92 6.18 -18.46
CA THR B 309 -32.01 5.22 -18.62
C THR B 309 -32.81 5.52 -19.87
N ARG B 310 -33.37 4.47 -20.44
CA ARG B 310 -34.36 4.60 -21.51
C ARG B 310 -35.72 4.54 -20.85
N PHE B 311 -36.80 4.65 -21.64
CA PHE B 311 -38.14 4.80 -21.08
C PHE B 311 -39.16 3.95 -21.85
N PRO B 312 -40.18 3.43 -21.15
CA PRO B 312 -41.21 2.68 -21.87
C PRO B 312 -41.80 3.49 -23.01
N GLY B 313 -41.80 2.91 -24.22
CA GLY B 313 -42.45 3.54 -25.35
C GLY B 313 -41.65 4.61 -26.08
N ARG B 314 -40.47 4.94 -25.57
CA ARG B 314 -39.68 6.05 -26.13
C ARG B 314 -38.47 5.60 -26.94
N GLY B 315 -38.47 4.34 -27.35
CA GLY B 315 -37.43 3.82 -28.22
C GLY B 315 -36.08 3.85 -27.50
N GLU B 316 -35.08 4.41 -28.16
CA GLU B 316 -33.73 4.44 -27.58
C GLU B 316 -33.37 5.78 -26.95
N GLU B 317 -34.37 6.64 -26.73
CA GLU B 317 -34.14 7.91 -26.04
C GLU B 317 -33.66 7.68 -24.62
N HIS B 318 -32.64 8.42 -24.21
CA HIS B 318 -32.12 8.27 -22.86
C HIS B 318 -31.81 9.60 -22.19
N GLU B 319 -31.90 9.61 -20.87
CA GLU B 319 -31.59 10.79 -20.06
C GLU B 319 -30.88 10.36 -18.78
N VAL B 320 -30.21 11.31 -18.16
CA VAL B 320 -29.57 11.08 -16.87
C VAL B 320 -30.62 11.06 -15.75
N ARG B 321 -30.47 10.12 -14.82
CA ARG B 321 -31.27 10.12 -13.61
C ARG B 321 -30.38 10.00 -12.37
N VAL B 322 -30.86 10.56 -11.25
CA VAL B 322 -30.16 10.50 -9.98
C VAL B 322 -31.16 10.00 -8.94
N HIS B 323 -30.83 8.91 -8.25
CA HIS B 323 -31.65 8.43 -7.13
C HIS B 323 -30.77 8.33 -5.89
N GLN B 324 -31.37 8.66 -4.73
CA GLN B 324 -30.65 8.53 -3.48
C GLN B 324 -30.44 7.05 -3.16
N LEU B 325 -29.29 6.72 -2.57
CA LEU B 325 -29.00 5.38 -2.07
C LEU B 325 -29.15 5.38 -0.55
N LEU B 326 -29.84 4.38 -0.03
CA LEU B 326 -30.05 4.23 1.40
C LEU B 326 -29.36 2.94 1.84
N MSE B 327 -28.86 2.88 3.06
CA MSE B 327 -28.18 1.68 3.52
C MSE B 327 -29.11 0.82 4.37
O MSE B 327 -29.69 1.31 5.34
CB MSE B 327 -26.93 2.05 4.32
CG MSE B 327 -26.01 0.88 4.59
SE MSE B 327 -25.29 0.17 2.91
CE MSE B 327 -24.15 1.69 2.39
N ASN B 328 -29.27 -0.45 4.02
CA ASN B 328 -30.14 -1.32 4.81
C ASN B 328 -29.40 -1.93 6.00
N LYS B 329 -30.15 -2.61 6.86
CA LYS B 329 -29.65 -3.24 8.08
C LYS B 329 -28.46 -4.17 7.86
N GLN B 330 -28.40 -4.78 6.68
CA GLN B 330 -27.38 -5.78 6.38
C GLN B 330 -26.15 -5.18 5.70
N GLY B 331 -26.14 -3.87 5.53
CA GLY B 331 -25.01 -3.21 4.91
C GLY B 331 -25.04 -3.29 3.40
N TRP B 332 -26.24 -3.39 2.83
CA TRP B 332 -26.39 -3.30 1.38
C TRP B 332 -27.19 -2.04 1.01
N PRO B 333 -26.79 -1.38 -0.09
CA PRO B 333 -27.48 -0.16 -0.51
C PRO B 333 -28.78 -0.50 -1.23
N VAL B 334 -29.84 0.25 -0.92
CA VAL B 334 -31.09 0.12 -1.63
C VAL B 334 -31.33 1.43 -2.38
N VAL B 335 -31.91 1.34 -3.57
CA VAL B 335 -32.20 2.52 -4.37
C VAL B 335 -33.58 3.07 -4.04
N ALA B 336 -33.66 4.38 -3.78
CA ALA B 336 -34.96 5.01 -3.56
C ALA B 336 -35.76 4.87 -4.86
N PRO B 337 -37.06 4.58 -4.76
CA PRO B 337 -37.81 4.30 -6.00
C PRO B 337 -37.94 5.49 -6.95
N HIS B 338 -37.97 6.71 -6.41
CA HIS B 338 -38.13 7.91 -7.24
C HIS B 338 -36.86 8.73 -7.33
N ARG B 339 -36.74 9.49 -8.42
CA ARG B 339 -35.56 10.31 -8.60
C ARG B 339 -35.44 11.33 -7.49
N TYR B 340 -34.22 11.77 -7.24
CA TYR B 340 -33.90 12.69 -6.15
C TYR B 340 -34.53 14.06 -6.32
N ALA B 341 -35.17 14.54 -5.25
CA ALA B 341 -35.85 15.82 -5.27
C ALA B 341 -35.59 16.58 -3.96
N GLY B 342 -34.47 16.26 -3.32
CA GLY B 342 -34.07 16.93 -2.10
C GLY B 342 -34.53 16.25 -0.83
N GLU B 343 -35.19 15.09 -0.96
CA GLU B 343 -35.74 14.40 0.20
C GLU B 343 -34.65 13.82 1.10
N LYS B 344 -35.00 13.52 2.34
CA LYS B 344 -34.03 13.02 3.30
C LYS B 344 -34.73 12.05 4.26
N LEU B 345 -33.94 11.20 4.88
CA LEU B 345 -34.48 10.26 5.85
C LEU B 345 -35.05 10.98 7.06
N GLU B 346 -36.10 10.40 7.63
CA GLU B 346 -36.80 10.97 8.77
C GLU B 346 -37.13 9.85 9.74
N LYS B 347 -37.55 10.21 10.95
CA LYS B 347 -38.03 9.20 11.87
C LYS B 347 -39.40 8.79 11.39
N VAL B 348 -39.60 7.49 11.24
CA VAL B 348 -40.84 6.95 10.72
C VAL B 348 -41.44 5.98 11.73
N LYS B 349 -42.76 6.06 11.93
CA LYS B 349 -43.45 5.13 12.83
C LYS B 349 -44.54 4.38 12.07
N LYS B 350 -45.06 3.34 12.70
CA LYS B 350 -46.08 2.50 12.07
C LYS B 350 -47.23 3.33 11.49
N SER B 351 -47.72 4.31 12.24
CA SER B 351 -48.86 5.08 11.77
C SER B 351 -48.55 5.89 10.51
N ASP B 352 -47.27 6.11 10.23
CA ASP B 352 -46.88 6.89 9.05
C ASP B 352 -46.88 6.05 7.78
N VAL B 353 -46.89 4.73 7.93
CA VAL B 353 -46.65 3.88 6.78
C VAL B 353 -47.77 2.88 6.46
N ILE B 354 -48.72 2.69 7.37
CA ILE B 354 -49.81 1.77 7.07
C ILE B 354 -50.65 2.29 5.92
N GLY B 355 -51.05 1.39 5.04
CA GLY B 355 -51.88 1.75 3.90
C GLY B 355 -51.49 1.04 2.61
N ASP B 356 -52.00 1.57 1.50
CA ASP B 356 -51.85 0.93 0.19
C ASP B 356 -50.63 1.43 -0.55
N TYR B 357 -50.00 0.52 -1.30
CA TYR B 357 -48.79 0.81 -2.05
C TYR B 357 -48.79 0.16 -3.42
N GLU B 358 -48.11 0.78 -4.37
CA GLU B 358 -47.68 0.11 -5.59
C GLU B 358 -46.38 -0.61 -5.27
N LEU B 359 -46.33 -1.89 -5.60
CA LEU B 359 -45.16 -2.73 -5.37
C LEU B 359 -44.52 -3.13 -6.68
N VAL B 360 -43.22 -2.89 -6.81
CA VAL B 360 -42.45 -3.44 -7.91
C VAL B 360 -41.51 -4.51 -7.38
N ARG B 361 -41.56 -5.70 -7.96
CA ARG B 361 -40.60 -6.75 -7.63
C ARG B 361 -39.62 -6.91 -8.78
N HIS B 362 -38.39 -6.44 -8.59
CA HIS B 362 -37.42 -6.40 -9.69
C HIS B 362 -36.85 -7.78 -10.06
N GLY B 363 -36.92 -8.73 -9.12
CA GLY B 363 -36.40 -10.07 -9.38
C GLY B 363 -34.88 -10.13 -9.45
N LYS B 364 -34.36 -11.20 -10.05
CA LYS B 364 -32.91 -11.39 -10.10
C LYS B 364 -32.44 -11.77 -11.49
N ASP B 365 -33.35 -11.72 -12.45
CA ASP B 365 -33.04 -12.08 -13.83
C ASP B 365 -32.41 -10.92 -14.61
N ILE B 366 -31.82 -11.26 -15.75
CA ILE B 366 -31.55 -10.29 -16.79
C ILE B 366 -32.73 -10.39 -17.75
N SER B 367 -33.56 -9.36 -17.78
CA SER B 367 -34.79 -9.40 -18.57
C SER B 367 -35.10 -8.06 -19.20
N ALA B 368 -35.55 -8.07 -20.45
CA ALA B 368 -35.97 -6.83 -21.08
C ALA B 368 -37.43 -6.48 -20.77
N ASP B 369 -38.13 -7.38 -20.08
CA ASP B 369 -39.54 -7.16 -19.73
C ASP B 369 -39.68 -5.93 -18.85
N ILE B 370 -40.69 -5.11 -19.13
CA ILE B 370 -41.00 -3.99 -18.24
C ILE B 370 -41.99 -4.46 -17.20
N LYS B 371 -41.58 -4.44 -15.94
CA LYS B 371 -42.41 -4.94 -14.86
C LYS B 371 -43.37 -3.87 -14.34
N GLU B 372 -44.68 -4.17 -14.37
CA GLU B 372 -45.69 -3.24 -13.88
C GLU B 372 -45.83 -3.36 -12.37
N SER B 373 -46.00 -2.23 -11.67
CA SER B 373 -46.28 -2.30 -10.23
C SER B 373 -47.66 -2.88 -9.99
N LYS B 374 -47.84 -3.54 -8.85
CA LYS B 374 -49.13 -4.06 -8.44
C LYS B 374 -49.45 -3.61 -7.02
N GLU B 375 -50.73 -3.55 -6.69
CA GLU B 375 -51.14 -2.97 -5.42
C GLU B 375 -51.11 -3.97 -4.26
N ILE B 376 -50.52 -3.51 -3.16
CA ILE B 376 -50.51 -4.25 -1.90
C ILE B 376 -50.95 -3.32 -0.77
N ARG B 377 -51.23 -3.90 0.39
CA ARG B 377 -51.56 -3.10 1.54
C ARG B 377 -50.70 -3.55 2.71
N LEU B 378 -50.05 -2.57 3.36
CA LEU B 378 -49.36 -2.84 4.61
C LEU B 378 -50.38 -2.61 5.70
N ASN B 379 -50.96 -3.69 6.21
CA ASN B 379 -51.99 -3.60 7.24
C ASN B 379 -51.46 -3.33 8.63
N GLN B 380 -52.27 -2.66 9.44
CA GLN B 380 -51.87 -2.32 10.80
C GLN B 380 -51.50 -3.55 11.62
N ASN B 381 -52.09 -4.69 11.28
CA ASN B 381 -51.81 -5.93 12.01
C ASN B 381 -50.53 -6.65 11.56
N GLY B 382 -49.77 -6.03 10.65
CA GLY B 382 -48.49 -6.58 10.25
C GLY B 382 -48.56 -7.53 9.07
N LYS B 383 -49.76 -7.71 8.53
CA LYS B 383 -49.95 -8.60 7.40
C LYS B 383 -49.87 -7.79 6.11
N ILE B 384 -49.32 -8.40 5.07
CA ILE B 384 -49.38 -7.82 3.74
C ILE B 384 -50.47 -8.54 2.96
N THR B 385 -51.35 -7.77 2.33
CA THR B 385 -52.43 -8.32 1.52
C THR B 385 -52.39 -7.67 0.15
N GLY B 386 -53.22 -8.16 -0.75
CA GLY B 386 -53.25 -7.62 -2.11
C GLY B 386 -52.53 -8.52 -3.12
N ALA B 387 -51.65 -7.92 -3.92
CA ALA B 387 -50.95 -8.65 -4.97
C ALA B 387 -50.08 -9.78 -4.46
N VAL B 388 -49.60 -9.65 -3.23
CA VAL B 388 -48.84 -10.73 -2.59
C VAL B 388 -49.29 -10.84 -1.15
N ALA B 389 -49.04 -12.00 -0.55
CA ALA B 389 -49.31 -12.20 0.86
C ALA B 389 -47.98 -12.29 1.60
N GLY B 390 -47.97 -11.88 2.86
CA GLY B 390 -46.76 -11.91 3.65
C GLY B 390 -46.94 -11.12 4.92
N THR B 391 -45.81 -10.74 5.53
CA THR B 391 -45.85 -9.93 6.73
C THR B 391 -44.80 -8.82 6.65
N TRP B 392 -44.96 -7.80 7.48
CA TRP B 392 -44.08 -6.65 7.44
C TRP B 392 -44.02 -6.00 8.82
N LYS B 393 -42.95 -5.26 9.08
CA LYS B 393 -42.84 -4.46 10.30
C LYS B 393 -41.87 -3.30 10.14
N ASN B 394 -42.11 -2.25 10.92
CA ASN B 394 -41.14 -1.20 11.14
C ASN B 394 -40.00 -1.73 12.01
N THR B 395 -38.79 -1.27 11.75
CA THR B 395 -37.68 -1.57 12.64
C THR B 395 -36.70 -0.41 12.62
N GLY B 396 -36.06 -0.15 13.76
CA GLY B 396 -35.17 0.99 13.88
C GLY B 396 -35.90 2.32 13.67
N HIS B 397 -35.15 3.30 13.18
CA HIS B 397 -35.62 4.67 13.01
C HIS B 397 -36.59 4.78 11.81
N ASN B 398 -36.27 4.07 10.74
CA ASN B 398 -37.03 4.18 9.51
C ASN B 398 -36.83 2.99 8.58
N LYS B 399 -36.50 1.84 9.14
CA LYS B 399 -36.27 0.67 8.32
C LYS B 399 -37.51 -0.21 8.24
N ILE B 400 -37.51 -1.10 7.25
CA ILE B 400 -38.59 -2.05 7.06
C ILE B 400 -38.03 -3.46 6.98
N GLU B 401 -38.78 -4.42 7.50
CA GLU B 401 -38.52 -5.82 7.23
C GLU B 401 -39.79 -6.40 6.64
N LEU B 402 -39.65 -7.05 5.48
CA LEU B 402 -40.80 -7.73 4.88
C LEU B 402 -40.51 -9.21 4.72
N LYS B 403 -41.55 -10.02 4.83
CA LYS B 403 -41.46 -11.43 4.52
C LYS B 403 -42.45 -11.75 3.41
N ILE B 404 -41.93 -12.08 2.24
CA ILE B 404 -42.73 -12.38 1.06
C ILE B 404 -42.10 -13.55 0.33
N ASP B 405 -42.94 -14.44 -0.18
CA ASP B 405 -42.49 -15.58 -0.99
C ASP B 405 -41.27 -16.31 -0.41
N GLY B 406 -41.34 -16.62 0.88
CA GLY B 406 -40.31 -17.40 1.52
C GLY B 406 -39.00 -16.67 1.75
N LYS B 407 -38.97 -15.39 1.42
CA LYS B 407 -37.76 -14.59 1.56
C LYS B 407 -37.94 -13.43 2.54
N THR B 408 -36.82 -13.00 3.14
CA THR B 408 -36.83 -11.85 4.05
C THR B 408 -36.20 -10.64 3.38
N TYR B 409 -36.94 -9.53 3.34
CA TYR B 409 -36.44 -8.30 2.73
C TYR B 409 -36.13 -7.24 3.78
N ASP B 410 -34.92 -6.68 3.71
CA ASP B 410 -34.50 -5.60 4.60
C ASP B 410 -34.37 -4.31 3.80
N GLY B 411 -35.06 -3.27 4.24
CA GLY B 411 -35.07 -2.02 3.51
C GLY B 411 -35.23 -0.79 4.36
N VAL B 412 -35.56 0.31 3.70
CA VAL B 412 -35.64 1.62 4.35
C VAL B 412 -36.85 2.37 3.81
N PHE B 413 -37.60 3.02 4.71
CA PHE B 413 -38.70 3.91 4.35
C PHE B 413 -38.16 5.30 4.05
N LEU B 414 -38.74 5.96 3.05
CA LEU B 414 -38.30 7.32 2.69
C LEU B 414 -39.46 8.07 2.05
N ARG B 415 -39.77 9.26 2.55
CA ARG B 415 -40.77 10.12 1.91
C ARG B 415 -40.15 10.71 0.66
N GLN B 416 -40.88 10.70 -0.44
CA GLN B 416 -40.35 11.18 -1.71
C GLN B 416 -41.37 11.99 -2.49
N TRP B 417 -40.85 12.71 -3.49
CA TRP B 417 -41.69 13.38 -4.47
C TRP B 417 -42.04 12.41 -5.60
N ASP B 418 -43.32 12.29 -5.91
CA ASP B 418 -43.71 11.56 -7.12
C ASP B 418 -44.13 12.55 -8.20
N ALA B 419 -43.34 12.65 -9.26
CA ALA B 419 -43.63 13.59 -10.33
C ALA B 419 -44.97 13.28 -10.98
N ALA B 420 -45.22 12.01 -11.26
CA ALA B 420 -46.45 11.57 -11.91
C ALA B 420 -47.69 12.22 -11.30
N SER B 421 -47.84 12.05 -9.99
CA SER B 421 -49.01 12.57 -9.28
C SER B 421 -48.77 13.93 -8.64
N GLU B 422 -47.57 14.48 -8.82
CA GLU B 422 -47.21 15.76 -8.24
C GLU B 422 -47.55 15.85 -6.75
N ARG B 423 -47.14 14.84 -5.99
CA ARG B 423 -47.43 14.79 -4.57
C ARG B 423 -46.33 14.05 -3.83
N LYS B 424 -46.17 14.33 -2.54
CA LYS B 424 -45.28 13.55 -1.70
C LYS B 424 -45.93 12.20 -1.42
N VAL B 425 -45.09 11.16 -1.41
CA VAL B 425 -45.55 9.81 -1.15
C VAL B 425 -44.59 9.16 -0.16
N MSE B 426 -45.05 8.10 0.49
CA MSE B 426 -44.18 7.28 1.31
C MSE B 426 -43.65 6.14 0.45
O MSE B 426 -44.42 5.51 -0.29
CB MSE B 426 -44.95 6.71 2.51
CG MSE B 426 -44.12 5.80 3.40
SE MSE B 426 -42.58 6.72 4.23
CE MSE B 426 -43.56 7.90 5.46
N THR B 427 -42.35 5.88 0.53
CA THR B 427 -41.78 4.76 -0.21
C THR B 427 -41.02 3.83 0.72
N PHE B 428 -40.79 2.61 0.24
CA PHE B 428 -39.81 1.74 0.85
C PHE B 428 -39.02 1.04 -0.24
N SER B 429 -37.80 0.65 0.08
CA SER B 429 -36.95 -0.06 -0.87
C SER B 429 -36.17 -1.08 -0.06
N ALA B 430 -36.24 -2.36 -0.46
CA ALA B 430 -35.70 -3.43 0.34
C ALA B 430 -35.02 -4.51 -0.50
N LEU B 431 -34.17 -5.31 0.13
CA LEU B 431 -33.41 -6.36 -0.55
C LEU B 431 -33.45 -7.66 0.25
N SER B 432 -33.48 -8.78 -0.45
CA SER B 432 -33.30 -10.08 0.19
C SER B 432 -31.84 -10.50 0.10
N ARG B 433 -31.47 -11.49 0.89
CA ARG B 433 -30.13 -12.06 0.81
C ARG B 433 -29.91 -12.65 -0.58
N GLU B 434 -30.98 -13.12 -1.19
CA GLU B 434 -30.92 -13.72 -2.52
C GLU B 434 -30.61 -12.68 -3.59
N GLY B 435 -30.65 -11.40 -3.22
CA GLY B 435 -30.22 -10.34 -4.11
C GLY B 435 -31.29 -9.71 -4.98
N ASP B 436 -32.57 -9.92 -4.66
CA ASP B 436 -33.63 -9.24 -5.40
C ASP B 436 -34.27 -8.09 -4.61
N ALA B 437 -34.70 -7.07 -5.34
CA ALA B 437 -35.18 -5.84 -4.74
C ALA B 437 -36.70 -5.72 -4.83
N VAL B 438 -37.31 -5.16 -3.80
CA VAL B 438 -38.70 -4.74 -3.87
C VAL B 438 -38.81 -3.24 -3.55
N TRP B 439 -39.65 -2.55 -4.31
CA TRP B 439 -39.90 -1.13 -4.11
C TRP B 439 -41.38 -0.90 -3.84
N GLY B 440 -41.69 -0.04 -2.87
CA GLY B 440 -43.07 0.35 -2.64
C GLY B 440 -43.23 1.86 -2.76
N SER B 441 -44.35 2.30 -3.32
CA SER B 441 -44.67 3.73 -3.36
C SER B 441 -46.15 3.92 -3.04
N SER B 442 -46.45 4.76 -2.05
CA SER B 442 -47.81 4.82 -1.50
C SER B 442 -48.89 5.35 -2.45
N LEU B 443 -50.09 4.79 -2.32
CA LEU B 443 -51.24 5.33 -3.03
C LEU B 443 -51.83 6.48 -2.23
CA CA C . 17.34 0.11 14.64
CA CA D . 51.55 4.42 7.08
CA CA E . 35.79 -19.63 17.16
C ACT F . 21.67 6.09 -4.86
O ACT F . 20.56 5.52 -4.96
OXT ACT F . 22.40 5.74 -3.91
CH3 ACT F . 22.09 7.14 -5.83
C ACT G . 4.44 -1.18 37.43
O ACT G . 4.36 0.06 37.30
OXT ACT G . 5.59 -1.63 37.64
CH3 ACT G . 3.24 -2.07 37.34
C ACT H . 19.69 -3.84 30.77
O ACT H . 20.24 -4.96 30.54
OXT ACT H . 18.89 -3.40 29.90
CH3 ACT H . 19.99 -3.07 32.02
CA CA I . -18.32 4.43 -16.04
CA CA J . -52.78 1.12 -9.26
C ACT K . -17.06 -8.35 -26.67
O ACT K . -16.71 -7.26 -26.15
OXT ACT K . -17.30 -9.32 -25.90
CH3 ACT K . -17.21 -8.52 -28.16
C ACT L . -2.86 -5.16 -35.10
O ACT L . -1.81 -5.43 -34.48
OXT ACT L . -3.80 -5.98 -34.95
CH3 ACT L . -3.01 -3.93 -35.94
#